data_3E87
#
_entry.id   3E87
#
_cell.length_a   117.323
_cell.length_b   117.323
_cell.length_c   45.045
_cell.angle_alpha   90.000
_cell.angle_beta   90.000
_cell.angle_gamma   120.000
#
_symmetry.space_group_name_H-M   'P 32'
#
loop_
_entity.id
_entity.type
_entity.pdbx_description
1 polymer 'RAC-beta serine/threonine-protein kinase'
2 polymer 'Glycogen synthase kinase-3 beta peptide'
3 non-polymer N-[(1S)-2-amino-1-phenylethyl]-5-(1H-pyrrolo[2,3-b]pyridin-4-yl)thiophene-2-carboxamide
4 water water
#
loop_
_entity_poly.entity_id
_entity_poly.type
_entity_poly.pdbx_seq_one_letter_code
_entity_poly.pdbx_strand_id
1 'polypeptide(L)'
;KVTMNDFDYLKLLGKGTFGKVILVREKATGRYYAMKILRKEVIIAKDEVAHTVTESRVLQNTRHPFLTALKYAFQTHDRL
CFVMEYANGGELFFHLSRERVFTEERARFYGAEIVSALEYLHSRDVVYRDIKLENLMLDKDGHIKITDFGLCKEGISDGA
TMK(TPO)FCGTPEYLAPEVLEDNDYGRAVDWWGLGVVMYEMMCGRLPFYNQDHERLFELILMEEIRFPRTLSPEAKSLL
AGLLKKDPKQRLGGGPSDAKEVMEHRFFLSINWQDVVQKKLLPPFKPQVTSEVDTRYFDDEFTAQSITI(TPO)PPDRYD
SLGLLELDQRTHFPQFDYSASIR
;
A,B
2 'polypeptide(L)' GRPRTTSFAE C,D
#
# COMPACT_ATOMS: atom_id res chain seq x y z
N LYS A 1 -19.43 3.30 36.82
CA LYS A 1 -18.91 3.16 35.43
C LYS A 1 -20.03 3.18 34.39
N VAL A 2 -19.76 3.80 33.24
CA VAL A 2 -20.71 3.87 32.13
C VAL A 2 -20.55 2.62 31.27
N THR A 3 -21.67 2.13 30.73
CA THR A 3 -21.68 0.88 29.95
C THR A 3 -22.48 1.01 28.66
N MET A 4 -22.43 -0.04 27.86
CA MET A 4 -23.12 -0.10 26.56
C MET A 4 -24.64 0.06 26.73
N ASN A 5 -25.20 -0.59 27.74
CA ASN A 5 -26.65 -0.59 27.96
C ASN A 5 -27.24 0.70 28.53
N ASP A 6 -26.42 1.73 28.71
CA ASP A 6 -26.90 3.05 29.10
C ASP A 6 -27.44 3.87 27.92
N PHE A 7 -27.29 3.34 26.71
CA PHE A 7 -27.68 4.05 25.49
C PHE A 7 -28.58 3.21 24.58
N ASP A 8 -29.47 3.88 23.86
CA ASP A 8 -30.19 3.29 22.74
C ASP A 8 -29.35 3.54 21.49
N TYR A 9 -29.30 2.56 20.59
CA TYR A 9 -28.49 2.66 19.38
C TYR A 9 -29.41 2.78 18.17
N LEU A 10 -29.37 3.94 17.53
CA LEU A 10 -30.43 4.35 16.59
C LEU A 10 -30.04 4.25 15.13
N LYS A 11 -28.93 4.89 14.75
CA LYS A 11 -28.50 4.92 13.34
C LYS A 11 -26.99 4.96 13.18
N LEU A 12 -26.49 4.19 12.21
CA LEU A 12 -25.06 4.14 11.90
C LEU A 12 -24.67 5.36 11.04
N LEU A 13 -23.74 6.17 11.56
CA LEU A 13 -23.29 7.38 10.88
C LEU A 13 -21.98 7.18 10.11
N GLY A 14 -21.13 6.27 10.60
CA GLY A 14 -19.85 5.98 9.96
C GLY A 14 -19.39 4.57 10.26
N LYS A 15 -18.63 3.99 9.33
CA LYS A 15 -18.10 2.64 9.48
C LYS A 15 -16.78 2.46 8.73
N GLY A 16 -15.91 1.61 9.26
CA GLY A 16 -14.60 1.37 8.66
C GLY A 16 -13.80 0.29 9.37
N THR A 17 -12.48 0.32 9.18
CA THR A 17 -11.58 -0.72 9.69
C THR A 17 -11.43 -0.70 11.21
N PHE A 18 -11.37 0.49 11.80
CA PHE A 18 -11.18 0.64 13.25
C PHE A 18 -12.45 0.34 14.05
N GLY A 19 -13.61 0.66 13.46
CA GLY A 19 -14.89 0.46 14.12
C GLY A 19 -16.01 1.22 13.44
N LYS A 20 -16.85 1.87 14.23
CA LYS A 20 -18.02 2.57 13.70
C LYS A 20 -18.51 3.69 14.62
N VAL A 21 -19.30 4.60 14.05
CA VAL A 21 -19.90 5.71 14.79
C VAL A 21 -21.43 5.63 14.67
N ILE A 22 -22.12 5.69 15.80
CA ILE A 22 -23.56 5.52 15.84
C ILE A 22 -24.24 6.65 16.61
N LEU A 23 -25.34 7.15 16.07
CA LEU A 23 -26.20 8.09 16.78
C LEU A 23 -26.91 7.33 17.88
N VAL A 24 -26.69 7.75 19.12
CA VAL A 24 -27.28 7.08 20.28
C VAL A 24 -28.14 8.05 21.09
N ARG A 25 -29.04 7.48 21.90
CA ARG A 25 -29.80 8.26 22.88
C ARG A 25 -29.40 7.79 24.27
N GLU A 26 -28.97 8.73 25.12
CA GLU A 26 -28.68 8.43 26.52
C GLU A 26 -30.01 8.19 27.24
N LYS A 27 -30.22 6.97 27.72
CA LYS A 27 -31.49 6.57 28.34
C LYS A 27 -31.89 7.46 29.51
N ALA A 28 -30.92 7.81 30.36
CA ALA A 28 -31.16 8.61 31.56
C ALA A 28 -31.72 10.01 31.26
N THR A 29 -31.11 10.70 30.30
CA THR A 29 -31.48 12.08 29.98
C THR A 29 -32.38 12.21 28.75
N GLY A 30 -32.37 11.20 27.87
CA GLY A 30 -33.09 11.25 26.61
C GLY A 30 -32.41 12.10 25.55
N ARG A 31 -31.16 12.47 25.81
CA ARG A 31 -30.40 13.34 24.91
C ARG A 31 -29.58 12.52 23.92
N TYR A 32 -29.32 13.10 22.75
CA TYR A 32 -28.66 12.38 21.66
C TYR A 32 -27.18 12.72 21.55
N TYR A 33 -26.40 11.71 21.20
CA TYR A 33 -24.94 11.82 21.09
C TYR A 33 -24.43 10.97 19.94
N ALA A 34 -23.21 11.25 19.50
CA ALA A 34 -22.49 10.41 18.56
C ALA A 34 -21.52 9.55 19.33
N MET A 35 -21.62 8.22 19.18
CA MET A 35 -20.73 7.30 19.89
C MET A 35 -19.81 6.58 18.91
N LYS A 36 -18.52 6.91 18.97
CA LYS A 36 -17.51 6.18 18.20
C LYS A 36 -17.11 4.93 18.98
N ILE A 37 -17.36 3.77 18.39
CA ILE A 37 -17.08 2.48 19.02
C ILE A 37 -15.94 1.79 18.28
N LEU A 38 -14.79 1.64 18.95
CA LEU A 38 -13.59 1.06 18.35
C LEU A 38 -13.30 -0.32 18.94
N ARG A 39 -12.92 -1.26 18.09
CA ARG A 39 -12.57 -2.61 18.55
C ARG A 39 -11.12 -2.66 19.03
N LYS A 40 -10.94 -2.99 20.31
CA LYS A 40 -9.62 -3.10 20.93
C LYS A 40 -8.74 -4.10 20.17
N GLU A 41 -9.34 -5.21 19.78
CA GLU A 41 -8.66 -6.25 18.99
C GLU A 41 -7.97 -5.68 17.76
N VAL A 42 -8.64 -4.76 17.07
CA VAL A 42 -8.09 -4.10 15.88
C VAL A 42 -7.01 -3.08 16.25
N ILE A 43 -7.26 -2.31 17.31
CA ILE A 43 -6.31 -1.29 17.76
C ILE A 43 -4.98 -1.89 18.20
N ILE A 44 -5.04 -3.03 18.89
CA ILE A 44 -3.84 -3.74 19.33
C ILE A 44 -3.11 -4.36 18.14
N ALA A 45 -3.86 -5.05 17.28
CA ALA A 45 -3.32 -5.68 16.08
C ALA A 45 -2.56 -4.72 15.17
N LYS A 46 -3.10 -3.51 15.02
CA LYS A 46 -2.47 -2.47 14.18
C LYS A 46 -1.43 -1.64 14.94
N ASP A 47 -1.24 -1.94 16.23
CA ASP A 47 -0.27 -1.26 17.09
C ASP A 47 -0.55 0.25 17.17
N GLU A 48 -1.80 0.59 17.45
CA GLU A 48 -2.27 1.97 17.45
C GLU A 48 -2.83 2.40 18.82
N VAL A 49 -2.35 1.76 19.89
CA VAL A 49 -2.83 2.06 21.24
C VAL A 49 -2.47 3.48 21.67
N ALA A 50 -1.27 3.91 21.30
CA ALA A 50 -0.80 5.27 21.63
C ALA A 50 -1.69 6.35 21.02
N HIS A 51 -2.16 6.12 19.79
CA HIS A 51 -3.04 7.06 19.10
C HIS A 51 -4.44 7.13 19.73
N THR A 52 -4.91 6.01 20.27
CA THR A 52 -6.21 5.98 20.94
C THR A 52 -6.15 6.70 22.29
N VAL A 53 -5.03 6.57 22.99
CA VAL A 53 -4.81 7.26 24.26
C VAL A 53 -4.63 8.76 24.04
N THR A 54 -3.90 9.13 22.99
CA THR A 54 -3.70 10.54 22.64
C THR A 54 -5.02 11.22 22.29
N GLU A 55 -5.85 10.54 21.49
CA GLU A 55 -7.16 11.07 21.10
C GLU A 55 -8.03 11.40 22.30
N SER A 56 -8.08 10.48 23.27
CA SER A 56 -8.87 10.69 24.47
C SER A 56 -8.30 11.83 25.30
N ARG A 57 -6.97 11.85 25.43
CA ARG A 57 -6.29 12.88 26.21
C ARG A 57 -6.48 14.28 25.62
N VAL A 58 -6.42 14.39 24.29
CA VAL A 58 -6.66 15.67 23.61
C VAL A 58 -8.12 16.11 23.78
N LEU A 59 -9.04 15.16 23.61
CA LEU A 59 -10.47 15.44 23.79
C LEU A 59 -10.79 15.90 25.23
N GLN A 60 -10.13 15.28 26.20
CA GLN A 60 -10.30 15.65 27.61
C GLN A 60 -9.78 17.04 27.93
N ASN A 61 -8.66 17.41 27.31
CA ASN A 61 -7.95 18.64 27.64
C ASN A 61 -8.22 19.83 26.69
N THR A 62 -9.15 19.66 25.76
CA THR A 62 -9.50 20.75 24.83
C THR A 62 -10.95 21.19 25.01
N ARG A 63 -11.17 22.49 24.88
CA ARG A 63 -12.50 23.07 24.85
C ARG A 63 -12.47 24.32 23.97
N HIS A 64 -13.19 24.25 22.85
CA HIS A 64 -13.20 25.32 21.86
C HIS A 64 -14.50 25.19 21.07
N PRO A 65 -15.11 26.32 20.67
CA PRO A 65 -16.35 26.27 19.90
C PRO A 65 -16.34 25.35 18.68
N PHE A 66 -15.20 25.26 17.99
CA PHE A 66 -15.11 24.49 16.74
C PHE A 66 -14.31 23.18 16.87
N LEU A 67 -14.24 22.65 18.08
CA LEU A 67 -13.75 21.30 18.33
C LEU A 67 -14.86 20.49 18.97
N THR A 68 -15.00 19.22 18.58
CA THR A 68 -16.00 18.33 19.17
C THR A 68 -15.69 18.05 20.64
N ALA A 69 -16.74 18.03 21.46
CA ALA A 69 -16.61 17.86 22.91
C ALA A 69 -16.90 16.41 23.32
N LEU A 70 -16.04 15.87 24.17
CA LEU A 70 -16.21 14.52 24.72
C LEU A 70 -17.13 14.57 25.94
N LYS A 71 -18.16 13.73 25.93
CA LYS A 71 -19.07 13.58 27.08
C LYS A 71 -18.58 12.47 27.98
N TYR A 72 -18.41 11.27 27.42
CA TYR A 72 -17.88 10.11 28.14
C TYR A 72 -16.83 9.39 27.31
N ALA A 73 -15.74 9.02 27.96
CA ALA A 73 -14.81 8.03 27.42
C ALA A 73 -14.92 6.81 28.32
N PHE A 74 -15.38 5.69 27.78
CA PHE A 74 -15.48 4.45 28.55
C PHE A 74 -15.14 3.23 27.69
N GLN A 75 -15.02 2.08 28.33
CA GLN A 75 -14.59 0.87 27.65
C GLN A 75 -15.22 -0.39 28.22
N THR A 76 -15.33 -1.41 27.37
CA THR A 76 -15.74 -2.74 27.78
C THR A 76 -14.54 -3.67 27.63
N HIS A 77 -14.76 -4.98 27.74
CA HIS A 77 -13.67 -5.95 27.63
C HIS A 77 -12.97 -5.91 26.26
N ASP A 78 -13.70 -5.55 25.21
CA ASP A 78 -13.16 -5.56 23.85
C ASP A 78 -13.46 -4.31 23.00
N ARG A 79 -14.06 -3.28 23.60
CA ARG A 79 -14.43 -2.07 22.87
C ARG A 79 -14.05 -0.79 23.60
N LEU A 80 -13.70 0.24 22.83
CA LEU A 80 -13.45 1.58 23.35
C LEU A 80 -14.54 2.51 22.81
N CYS A 81 -15.17 3.28 23.70
CA CYS A 81 -16.31 4.12 23.33
C CYS A 81 -16.08 5.61 23.63
N PHE A 82 -16.19 6.44 22.60
CA PHE A 82 -16.19 7.89 22.74
C PHE A 82 -17.63 8.38 22.58
N VAL A 83 -18.23 8.90 23.64
CA VAL A 83 -19.55 9.53 23.55
C VAL A 83 -19.34 11.04 23.38
N MET A 84 -19.85 11.59 22.29
CA MET A 84 -19.58 12.98 21.91
C MET A 84 -20.85 13.70 21.49
N GLU A 85 -20.84 15.03 21.62
CA GLU A 85 -21.98 15.85 21.19
C GLU A 85 -22.28 15.60 19.71
N TYR A 86 -23.55 15.51 19.38
CA TYR A 86 -23.99 15.14 18.03
C TYR A 86 -24.03 16.36 17.11
N ALA A 87 -23.15 16.38 16.11
CA ALA A 87 -23.18 17.39 15.05
C ALA A 87 -24.15 16.91 13.96
N ASN A 88 -25.37 17.45 13.98
CA ASN A 88 -26.44 17.02 13.05
C ASN A 88 -26.26 17.54 11.63
N GLY A 89 -25.36 18.50 11.43
CA GLY A 89 -25.16 19.10 10.11
C GLY A 89 -24.40 18.24 9.11
N GLY A 90 -23.76 17.17 9.59
CA GLY A 90 -23.03 16.26 8.71
C GLY A 90 -21.65 16.75 8.35
N GLU A 91 -20.94 15.95 7.55
CA GLU A 91 -19.58 16.29 7.12
C GLU A 91 -19.59 17.35 6.03
N LEU A 92 -18.50 18.11 5.97
CA LEU A 92 -18.28 19.09 4.89
C LEU A 92 -18.07 18.34 3.57
N PHE A 93 -17.54 17.12 3.65
CA PHE A 93 -17.38 16.23 2.49
C PHE A 93 -18.73 15.90 1.84
N PHE A 94 -19.75 15.68 2.67
CA PHE A 94 -21.11 15.42 2.21
C PHE A 94 -21.67 16.62 1.45
N HIS A 95 -21.50 17.81 2.02
CA HIS A 95 -22.06 19.04 1.45
C HIS A 95 -21.35 19.51 0.19
N LEU A 96 -20.02 19.39 0.18
CA LEU A 96 -19.22 19.80 -0.97
C LEU A 96 -19.40 18.83 -2.14
N SER A 97 -19.58 17.56 -1.85
CA SER A 97 -19.90 16.57 -2.88
C SER A 97 -21.27 16.84 -3.50
N ARG A 98 -22.23 17.27 -2.68
CA ARG A 98 -23.57 17.60 -3.15
C ARG A 98 -23.59 18.87 -4.01
N GLU A 99 -22.90 19.91 -3.54
CA GLU A 99 -22.88 21.20 -4.20
C GLU A 99 -21.71 21.43 -5.16
N ARG A 100 -20.76 20.48 -5.18
CA ARG A 100 -19.62 20.50 -6.12
C ARG A 100 -18.56 21.52 -5.73
N VAL A 101 -18.99 22.77 -5.52
CA VAL A 101 -18.08 23.85 -5.15
C VAL A 101 -18.82 24.87 -4.26
N PHE A 102 -18.06 25.54 -3.39
CA PHE A 102 -18.59 26.65 -2.60
C PHE A 102 -18.13 27.98 -3.20
N THR A 103 -18.85 29.05 -2.88
CA THR A 103 -18.41 30.40 -3.21
C THR A 103 -17.22 30.75 -2.31
N GLU A 104 -16.48 31.78 -2.69
CA GLU A 104 -15.33 32.23 -1.89
C GLU A 104 -15.77 32.72 -0.51
N GLU A 105 -16.97 33.29 -0.44
CA GLU A 105 -17.54 33.82 0.81
C GLU A 105 -17.84 32.69 1.79
N ARG A 106 -18.44 31.61 1.29
CA ARG A 106 -18.77 30.46 2.14
C ARG A 106 -17.52 29.71 2.58
N ALA A 107 -16.55 29.58 1.67
CA ALA A 107 -15.26 28.95 1.99
C ALA A 107 -14.50 29.76 3.02
N ARG A 108 -14.60 31.08 2.93
CA ARG A 108 -13.96 31.99 3.90
C ARG A 108 -14.52 31.77 5.31
N PHE A 109 -15.83 31.57 5.40
CA PHE A 109 -16.48 31.30 6.69
C PHE A 109 -15.91 30.03 7.33
N TYR A 110 -15.96 28.92 6.58
CA TYR A 110 -15.44 27.64 7.08
C TYR A 110 -13.94 27.72 7.34
N GLY A 111 -13.20 28.37 6.44
CA GLY A 111 -11.75 28.56 6.59
C GLY A 111 -11.35 29.31 7.85
N ALA A 112 -12.08 30.39 8.16
CA ALA A 112 -11.84 31.19 9.36
C ALA A 112 -12.04 30.39 10.64
N GLU A 113 -13.13 29.62 10.69
CA GLU A 113 -13.42 28.80 11.87
C GLU A 113 -12.40 27.65 12.05
N ILE A 114 -11.85 27.15 10.94
CA ILE A 114 -10.78 26.15 11.00
C ILE A 114 -9.47 26.79 11.48
N VAL A 115 -9.17 27.99 10.98
CA VAL A 115 -7.99 28.75 11.41
C VAL A 115 -8.05 29.08 12.91
N SER A 116 -9.24 29.42 13.39
CA SER A 116 -9.47 29.68 14.80
C SER A 116 -9.22 28.42 15.64
N ALA A 117 -9.70 27.28 15.16
CA ALA A 117 -9.50 26.00 15.81
C ALA A 117 -8.02 25.60 15.81
N LEU A 118 -7.34 25.82 14.69
CA LEU A 118 -5.92 25.45 14.56
C LEU A 118 -5.01 26.34 15.40
N GLU A 119 -5.34 27.62 15.48
CA GLU A 119 -4.61 28.53 16.36
C GLU A 119 -4.71 28.05 17.80
N TYR A 120 -5.91 27.63 18.20
CA TYR A 120 -6.15 27.11 19.55
C TYR A 120 -5.29 25.89 19.84
N LEU A 121 -5.35 24.88 18.98
CA LEU A 121 -4.55 23.66 19.14
C LEU A 121 -3.05 23.93 19.14
N HIS A 122 -2.61 24.81 18.25
CA HIS A 122 -1.18 25.17 18.14
C HIS A 122 -0.66 25.94 19.35
N SER A 123 -1.49 26.83 19.89
CA SER A 123 -1.16 27.55 21.13
C SER A 123 -1.07 26.58 22.32
N ARG A 124 -1.76 25.45 22.21
CA ARG A 124 -1.72 24.39 23.21
C ARG A 124 -0.68 23.32 22.89
N ASP A 125 0.22 23.62 21.94
CA ASP A 125 1.28 22.69 21.50
C ASP A 125 0.74 21.36 20.94
N VAL A 126 -0.39 21.44 20.23
CA VAL A 126 -0.96 20.26 19.57
C VAL A 126 -0.96 20.45 18.05
N VAL A 127 -0.40 19.49 17.34
CA VAL A 127 -0.45 19.46 15.89
C VAL A 127 -1.49 18.42 15.47
N TYR A 128 -2.50 18.85 14.71
CA TYR A 128 -3.67 18.02 14.39
C TYR A 128 -3.36 16.93 13.36
N ARG A 129 -2.68 17.32 12.27
CA ARG A 129 -2.13 16.39 11.26
C ARG A 129 -3.13 15.59 10.42
N ASP A 130 -4.41 15.91 10.50
CA ASP A 130 -5.40 15.21 9.66
C ASP A 130 -6.55 16.10 9.21
N ILE A 131 -6.25 17.36 8.90
CA ILE A 131 -7.25 18.26 8.30
C ILE A 131 -7.73 17.68 6.97
N LYS A 132 -9.04 17.49 6.86
CA LYS A 132 -9.69 17.05 5.63
C LYS A 132 -11.21 17.17 5.74
N LEU A 133 -11.90 17.10 4.59
CA LEU A 133 -13.35 17.32 4.53
C LEU A 133 -14.19 16.32 5.35
N GLU A 134 -13.70 15.09 5.50
CA GLU A 134 -14.42 14.06 6.25
CA GLU A 134 -14.43 14.07 6.26
C GLU A 134 -14.33 14.31 7.76
N ASN A 135 -13.27 14.99 8.19
CA ASN A 135 -13.06 15.30 9.60
C ASN A 135 -13.62 16.66 10.02
N LEU A 136 -14.23 17.38 9.07
CA LEU A 136 -14.85 18.67 9.36
C LEU A 136 -16.37 18.52 9.31
N MET A 137 -17.00 18.59 10.48
CA MET A 137 -18.45 18.44 10.56
C MET A 137 -19.11 19.79 10.86
N LEU A 138 -20.43 19.85 10.66
CA LEU A 138 -21.21 21.04 10.96
C LEU A 138 -22.19 20.73 12.08
N ASP A 139 -22.31 21.65 13.04
CA ASP A 139 -23.30 21.51 14.11
C ASP A 139 -24.67 22.01 13.63
N LYS A 140 -25.68 21.90 14.49
CA LYS A 140 -27.05 22.28 14.16
C LYS A 140 -27.20 23.72 13.64
N ASP A 141 -26.30 24.61 14.09
CA ASP A 141 -26.32 26.01 13.67
C ASP A 141 -25.52 26.27 12.38
N GLY A 142 -24.75 25.27 11.94
CA GLY A 142 -23.94 25.41 10.73
C GLY A 142 -22.50 25.86 10.97
N HIS A 143 -22.06 25.78 12.23
CA HIS A 143 -20.67 26.10 12.60
C HIS A 143 -19.79 24.86 12.50
N ILE A 144 -18.50 25.07 12.25
CA ILE A 144 -17.53 23.97 12.07
C ILE A 144 -17.27 23.22 13.37
N LYS A 145 -17.17 21.89 13.26
CA LYS A 145 -16.75 21.03 14.38
C LYS A 145 -15.72 20.02 13.87
N ILE A 146 -14.47 20.19 14.27
CA ILE A 146 -13.41 19.24 13.92
C ILE A 146 -13.58 17.98 14.77
N THR A 147 -13.48 16.82 14.12
CA THR A 147 -13.60 15.54 14.79
C THR A 147 -12.39 14.67 14.49
N ASP A 148 -12.22 13.63 15.28
CA ASP A 148 -11.16 12.63 15.08
C ASP A 148 -9.77 13.22 15.36
N PHE A 149 -9.34 13.10 16.60
CA PHE A 149 -8.03 13.59 17.04
C PHE A 149 -7.06 12.41 17.26
N GLY A 150 -7.22 11.36 16.44
CA GLY A 150 -6.41 10.16 16.56
C GLY A 150 -4.97 10.31 16.13
N LEU A 151 -4.71 11.20 15.16
CA LEU A 151 -3.35 11.44 14.66
C LEU A 151 -2.71 12.70 15.24
N CYS A 152 -3.25 13.23 16.34
CA CYS A 152 -2.66 14.40 16.99
C CYS A 152 -1.31 14.08 17.63
N LYS A 153 -0.45 15.09 17.70
CA LYS A 153 0.79 15.02 18.48
C LYS A 153 0.81 16.16 19.47
N GLU A 154 1.13 15.84 20.72
CA GLU A 154 1.19 16.81 21.81
C GLU A 154 2.64 17.19 22.10
N GLY A 155 2.82 18.27 22.86
CA GLY A 155 4.14 18.74 23.25
C GLY A 155 4.95 19.38 22.14
N ILE A 156 4.27 19.84 21.08
CA ILE A 156 4.93 20.41 19.92
C ILE A 156 4.87 21.94 19.98
N SER A 157 5.90 22.54 20.57
CA SER A 157 6.01 24.00 20.67
C SER A 157 6.67 24.60 19.44
N ASP A 158 7.03 25.88 19.53
CA ASP A 158 7.66 26.63 18.44
C ASP A 158 8.90 25.91 17.90
N GLY A 159 8.77 25.33 16.70
CA GLY A 159 9.90 24.69 16.03
C GLY A 159 10.17 23.24 16.37
N ALA A 160 9.37 22.65 17.27
CA ALA A 160 9.49 21.22 17.58
C ALA A 160 9.02 20.39 16.38
N THR A 161 9.60 19.20 16.21
CA THR A 161 9.34 18.40 15.02
C THR A 161 8.79 17.00 15.32
N MET A 162 8.27 16.37 14.28
CA MET A 162 7.65 15.03 14.36
C MET A 162 8.23 14.10 13.29
N LYS A 163 8.19 12.80 13.56
CA LYS A 163 8.79 11.80 12.68
C LYS A 163 7.78 10.86 12.00
N PHE A 165 5.27 9.04 9.85
CA PHE A 165 4.66 9.11 8.54
C PHE A 165 3.18 8.77 8.70
N CYS A 166 2.34 9.81 8.73
CA CYS A 166 0.91 9.64 8.98
C CYS A 166 0.08 10.81 8.45
N GLY A 167 -1.22 10.58 8.35
CA GLY A 167 -2.16 11.57 7.84
C GLY A 167 -3.17 10.88 6.94
N THR A 168 -3.51 11.55 5.85
CA THR A 168 -4.30 10.95 4.78
C THR A 168 -3.55 11.22 3.47
N PRO A 169 -3.35 10.18 2.64
CA PRO A 169 -2.50 10.28 1.44
C PRO A 169 -2.69 11.56 0.62
N GLU A 170 -3.95 11.90 0.35
CA GLU A 170 -4.30 13.03 -0.52
C GLU A 170 -3.98 14.40 0.11
N TYR A 171 -3.85 14.43 1.43
CA TYR A 171 -3.64 15.68 2.16
C TYR A 171 -2.23 15.84 2.72
N LEU A 172 -1.35 14.88 2.48
CA LEU A 172 0.00 14.91 3.02
C LEU A 172 0.80 16.09 2.47
N ALA A 173 1.48 16.79 3.36
CA ALA A 173 2.37 17.87 2.98
C ALA A 173 3.64 17.29 2.36
N PRO A 174 4.23 18.00 1.37
CA PRO A 174 5.45 17.55 0.69
C PRO A 174 6.60 17.15 1.63
N GLU A 175 6.80 17.90 2.72
CA GLU A 175 7.89 17.59 3.65
C GLU A 175 7.70 16.23 4.36
N VAL A 176 6.44 15.85 4.58
CA VAL A 176 6.12 14.54 5.15
C VAL A 176 6.46 13.41 4.16
N LEU A 177 6.46 13.73 2.87
CA LEU A 177 6.85 12.77 1.82
C LEU A 177 8.37 12.66 1.64
N GLU A 178 9.12 13.43 2.43
CA GLU A 178 10.58 13.34 2.46
C GLU A 178 11.02 12.66 3.76
N ASP A 179 12.28 12.23 3.81
CA ASP A 179 12.84 11.61 5.02
C ASP A 179 12.94 12.59 6.17
N ASN A 180 13.23 12.06 7.35
CA ASN A 180 13.45 12.87 8.55
C ASN A 180 12.17 13.55 9.05
N ASP A 181 12.32 14.66 9.78
CA ASP A 181 11.24 15.21 10.58
C ASP A 181 10.51 16.38 9.91
N TYR A 182 9.40 16.80 10.52
CA TYR A 182 8.60 17.89 9.99
C TYR A 182 7.94 18.67 11.12
N GLY A 183 7.58 19.92 10.84
CA GLY A 183 7.01 20.83 11.83
C GLY A 183 5.49 20.92 11.77
N ARG A 184 4.95 21.83 12.58
CA ARG A 184 3.50 22.02 12.72
C ARG A 184 2.84 22.71 11.52
N ALA A 185 3.65 23.19 10.58
CA ALA A 185 3.16 23.85 9.38
C ALA A 185 2.37 22.92 8.45
N VAL A 186 2.47 21.61 8.68
CA VAL A 186 1.70 20.63 7.91
C VAL A 186 0.18 20.86 8.04
N ASP A 187 -0.24 21.43 9.16
CA ASP A 187 -1.65 21.78 9.38
C ASP A 187 -2.13 22.90 8.45
N TRP A 188 -1.23 23.82 8.10
CA TRP A 188 -1.57 24.93 7.21
C TRP A 188 -1.58 24.50 5.75
N TRP A 189 -0.77 23.49 5.42
CA TRP A 189 -0.88 22.80 4.13
C TRP A 189 -2.24 22.11 4.01
N GLY A 190 -2.64 21.39 5.06
CA GLY A 190 -3.95 20.73 5.11
C GLY A 190 -5.10 21.71 4.96
N LEU A 191 -5.06 22.82 5.69
CA LEU A 191 -6.01 23.92 5.50
C LEU A 191 -6.06 24.34 4.02
N GLY A 192 -4.89 24.45 3.39
CA GLY A 192 -4.80 24.82 1.98
C GLY A 192 -5.49 23.87 1.05
N VAL A 193 -5.37 22.56 1.32
CA VAL A 193 -6.00 21.54 0.48
C VAL A 193 -7.52 21.60 0.58
N VAL A 194 -8.06 21.74 1.81
CA VAL A 194 -9.51 21.83 1.99
C VAL A 194 -10.06 23.14 1.43
N MET A 195 -9.32 24.24 1.61
CA MET A 195 -9.72 25.52 1.03
C MET A 195 -9.73 25.43 -0.49
N TYR A 196 -8.74 24.73 -1.05
CA TYR A 196 -8.66 24.51 -2.49
C TYR A 196 -9.86 23.73 -2.99
N GLU A 197 -10.24 22.68 -2.26
CA GLU A 197 -11.41 21.87 -2.60
C GLU A 197 -12.70 22.66 -2.58
N MET A 198 -12.88 23.47 -1.53
CA MET A 198 -14.10 24.25 -1.37
C MET A 198 -14.29 25.27 -2.48
N MET A 199 -13.21 25.90 -2.91
CA MET A 199 -13.27 26.96 -3.92
C MET A 199 -13.03 26.48 -5.36
N CYS A 200 -12.23 25.43 -5.53
CA CYS A 200 -11.94 24.90 -6.87
C CYS A 200 -12.67 23.59 -7.21
N GLY A 201 -13.38 23.03 -6.24
CA GLY A 201 -14.24 21.86 -6.47
C GLY A 201 -13.50 20.57 -6.77
N ARG A 202 -12.23 20.49 -6.37
CA ARG A 202 -11.44 19.27 -6.52
C ARG A 202 -10.20 19.34 -5.65
N LEU A 203 -9.54 18.20 -5.47
CA LEU A 203 -8.23 18.17 -4.81
C LEU A 203 -7.20 18.85 -5.73
N PRO A 204 -6.22 19.56 -5.16
CA PRO A 204 -5.18 20.15 -5.99
C PRO A 204 -4.29 19.11 -6.67
N PHE A 205 -4.15 17.94 -6.06
CA PHE A 205 -3.45 16.80 -6.64
C PHE A 205 -4.27 15.52 -6.40
N TYR A 206 -4.49 14.74 -7.45
CA TYR A 206 -5.11 13.43 -7.27
C TYR A 206 -4.64 12.36 -8.27
N ASN A 207 -4.36 11.19 -7.74
CA ASN A 207 -4.23 9.96 -8.51
C ASN A 207 -4.49 8.80 -7.57
N GLN A 208 -5.16 7.74 -8.04
CA GLN A 208 -5.48 6.60 -7.17
C GLN A 208 -4.22 5.80 -6.83
N ASP A 209 -3.22 5.85 -7.70
CA ASP A 209 -1.91 5.28 -7.42
C ASP A 209 -1.13 6.25 -6.54
N HIS A 210 -0.86 5.84 -5.30
CA HIS A 210 -0.18 6.70 -4.32
C HIS A 210 1.22 7.13 -4.79
N GLU A 211 1.90 6.25 -5.51
CA GLU A 211 3.17 6.55 -6.14
C GLU A 211 3.07 7.81 -7.01
N ARG A 212 2.04 7.86 -7.84
CA ARG A 212 1.79 9.02 -8.71
C ARG A 212 1.29 10.22 -7.91
N LEU A 213 0.45 9.96 -6.91
CA LEU A 213 -0.08 11.00 -6.02
C LEU A 213 1.04 11.75 -5.31
N PHE A 214 1.93 11.01 -4.67
CA PHE A 214 3.02 11.62 -3.90
C PHE A 214 4.00 12.38 -4.77
N GLU A 215 4.19 11.93 -6.01
CA GLU A 215 4.99 12.65 -6.99
C GLU A 215 4.33 13.98 -7.36
N LEU A 216 3.01 13.98 -7.48
CA LEU A 216 2.27 15.22 -7.76
C LEU A 216 2.40 16.21 -6.60
N ILE A 217 2.20 15.72 -5.38
CA ILE A 217 2.34 16.56 -4.17
C ILE A 217 3.74 17.17 -4.08
N LEU A 218 4.77 16.38 -4.37
CA LEU A 218 6.15 16.87 -4.32
C LEU A 218 6.55 17.73 -5.52
N MET A 219 6.16 17.30 -6.73
CA MET A 219 6.72 17.86 -7.98
C MET A 219 5.81 18.81 -8.76
N GLU A 220 4.48 18.65 -8.62
CA GLU A 220 3.54 19.35 -9.49
C GLU A 220 3.19 20.75 -9.00
N GLU A 221 3.02 21.65 -9.96
CA GLU A 221 2.61 23.03 -9.70
C GLU A 221 1.09 23.10 -9.70
N ILE A 222 0.52 23.69 -8.65
CA ILE A 222 -0.94 23.82 -8.56
C ILE A 222 -1.47 24.77 -9.63
N ARG A 223 -2.73 24.55 -10.00
CA ARG A 223 -3.43 25.39 -10.96
C ARG A 223 -4.66 25.99 -10.32
N PHE A 224 -5.12 27.11 -10.86
CA PHE A 224 -6.31 27.79 -10.36
C PHE A 224 -7.25 28.09 -11.52
N PRO A 225 -8.57 28.06 -11.26
CA PRO A 225 -9.48 28.60 -12.28
C PRO A 225 -9.14 30.06 -12.57
N ARG A 226 -9.26 30.48 -13.82
CA ARG A 226 -8.96 31.85 -14.23
C ARG A 226 -9.73 32.88 -13.42
N THR A 227 -11.00 32.57 -13.11
CA THR A 227 -11.91 33.50 -12.47
C THR A 227 -11.80 33.55 -10.94
N LEU A 228 -10.98 32.68 -10.36
CA LEU A 228 -10.73 32.72 -8.92
C LEU A 228 -10.12 34.08 -8.58
N SER A 229 -10.54 34.67 -7.46
CA SER A 229 -10.08 36.01 -7.08
C SER A 229 -8.58 35.99 -6.82
N PRO A 230 -7.89 37.13 -7.08
CA PRO A 230 -6.47 37.25 -6.75
C PRO A 230 -6.11 36.92 -5.30
N GLU A 231 -6.94 37.36 -4.36
CA GLU A 231 -6.69 37.06 -2.93
C GLU A 231 -6.86 35.57 -2.61
N ALA A 232 -7.82 34.91 -3.26
CA ALA A 232 -8.01 33.46 -3.10
C ALA A 232 -6.84 32.66 -3.67
N LYS A 233 -6.37 33.07 -4.85
CA LYS A 233 -5.18 32.47 -5.47
C LYS A 233 -3.94 32.64 -4.60
N SER A 234 -3.76 33.84 -4.05
CA SER A 234 -2.65 34.16 -3.15
C SER A 234 -2.71 33.35 -1.85
N LEU A 235 -3.90 33.19 -1.28
CA LEU A 235 -4.06 32.41 -0.05
C LEU A 235 -3.71 30.95 -0.28
N LEU A 236 -4.30 30.37 -1.32
CA LEU A 236 -4.06 28.96 -1.65
C LEU A 236 -2.60 28.72 -2.02
N ALA A 237 -2.03 29.64 -2.80
CA ALA A 237 -0.60 29.59 -3.16
C ALA A 237 0.30 29.69 -1.92
N GLY A 238 -0.09 30.52 -0.96
CA GLY A 238 0.63 30.65 0.31
C GLY A 238 0.53 29.43 1.20
N LEU A 239 -0.69 28.91 1.36
CA LEU A 239 -0.92 27.69 2.16
C LEU A 239 -0.29 26.45 1.53
N LEU A 240 -0.31 26.40 0.19
CA LEU A 240 0.22 25.25 -0.54
C LEU A 240 1.63 25.49 -1.11
N LYS A 241 2.41 26.33 -0.42
CA LYS A 241 3.84 26.46 -0.70
C LYS A 241 4.51 25.17 -0.24
N LYS A 242 5.26 24.52 -1.12
CA LYS A 242 5.84 23.21 -0.82
C LYS A 242 6.90 23.27 0.29
N ASP A 243 7.68 24.35 0.32
CA ASP A 243 8.59 24.62 1.43
C ASP A 243 7.79 25.13 2.63
N PRO A 244 7.79 24.37 3.75
CA PRO A 244 7.09 24.82 4.96
C PRO A 244 7.64 26.12 5.55
N LYS A 245 8.94 26.37 5.36
CA LYS A 245 9.55 27.62 5.81
C LYS A 245 9.00 28.85 5.08
N GLN A 246 8.64 28.67 3.81
CA GLN A 246 8.09 29.76 2.98
C GLN A 246 6.56 29.73 2.91
N ARG A 247 5.94 28.79 3.63
CA ARG A 247 4.50 28.62 3.63
C ARG A 247 3.81 29.62 4.55
N LEU A 248 2.61 30.04 4.15
CA LEU A 248 1.77 30.93 4.95
C LEU A 248 1.35 30.20 6.23
N GLY A 249 1.73 30.76 7.37
CA GLY A 249 1.53 30.12 8.66
C GLY A 249 2.75 29.34 9.15
N GLY A 250 3.76 29.23 8.30
CA GLY A 250 4.98 28.49 8.62
C GLY A 250 6.03 29.26 9.41
N GLY A 251 5.80 30.56 9.60
CA GLY A 251 6.70 31.42 10.37
C GLY A 251 6.48 31.29 11.86
N PRO A 252 7.24 32.07 12.66
CA PRO A 252 7.12 32.00 14.13
C PRO A 252 5.75 32.40 14.68
N SER A 253 5.07 33.32 13.99
CA SER A 253 3.77 33.81 14.44
C SER A 253 2.62 32.85 14.12
N ASP A 254 2.88 31.82 13.31
CA ASP A 254 1.93 30.73 13.09
C ASP A 254 0.60 31.22 12.47
N ALA A 255 -0.52 31.05 13.18
CA ALA A 255 -1.85 31.39 12.65
C ALA A 255 -2.03 32.87 12.33
N LYS A 256 -1.23 33.73 12.98
CA LYS A 256 -1.23 35.18 12.72
C LYS A 256 -1.03 35.50 11.24
N GLU A 257 -0.03 34.88 10.63
CA GLU A 257 0.26 35.07 9.19
C GLU A 257 -0.97 34.78 8.34
N VAL A 258 -1.65 33.69 8.66
CA VAL A 258 -2.85 33.27 7.91
C VAL A 258 -4.00 34.22 8.17
N MET A 259 -4.20 34.60 9.43
CA MET A 259 -5.28 35.51 9.82
C MET A 259 -5.12 36.91 9.21
N GLU A 260 -3.88 37.34 9.01
CA GLU A 260 -3.60 38.67 8.45
C GLU A 260 -3.52 38.70 6.92
N HIS A 261 -3.73 37.56 6.27
CA HIS A 261 -3.72 37.50 4.80
C HIS A 261 -4.93 38.23 4.22
N ARG A 262 -4.72 38.90 3.09
CA ARG A 262 -5.73 39.75 2.45
C ARG A 262 -7.05 39.04 2.13
N PHE A 263 -7.02 37.73 1.98
CA PHE A 263 -8.23 36.95 1.76
C PHE A 263 -9.20 37.08 2.93
N PHE A 264 -8.67 37.14 4.15
CA PHE A 264 -9.49 37.30 5.36
C PHE A 264 -9.59 38.77 5.82
N LEU A 265 -9.38 39.71 4.90
CA LEU A 265 -9.44 41.14 5.20
C LEU A 265 -10.74 41.53 5.91
N SER A 266 -11.85 40.94 5.48
CA SER A 266 -13.17 41.26 6.02
C SER A 266 -13.49 40.64 7.39
N ILE A 267 -12.60 39.78 7.89
CA ILE A 267 -12.87 39.02 9.11
C ILE A 267 -12.30 39.67 10.37
N ASN A 268 -13.17 39.83 11.37
CA ASN A 268 -12.75 40.14 12.73
C ASN A 268 -12.61 38.82 13.48
N TRP A 269 -11.40 38.50 13.92
CA TRP A 269 -11.08 37.18 14.44
C TRP A 269 -11.55 36.94 15.87
N GLN A 270 -11.79 38.02 16.62
CA GLN A 270 -12.39 37.90 17.94
C GLN A 270 -13.89 37.55 17.81
N ASP A 271 -14.53 38.02 16.73
CA ASP A 271 -15.91 37.65 16.43
C ASP A 271 -16.04 36.20 15.97
N VAL A 272 -15.00 35.68 15.32
CA VAL A 272 -14.98 34.30 14.85
C VAL A 272 -15.14 33.32 16.02
N VAL A 273 -14.25 33.44 17.00
CA VAL A 273 -14.29 32.60 18.20
C VAL A 273 -15.57 32.79 19.02
N GLN A 274 -16.13 34.00 18.98
CA GLN A 274 -17.38 34.30 19.70
C GLN A 274 -18.65 33.83 18.98
N LYS A 275 -18.50 33.08 17.89
CA LYS A 275 -19.64 32.56 17.10
C LYS A 275 -20.52 33.69 16.54
N LYS A 276 -19.92 34.84 16.26
CA LYS A 276 -20.67 36.01 15.81
C LYS A 276 -20.75 36.12 14.28
N LEU A 277 -19.96 35.32 13.57
CA LEU A 277 -20.06 35.23 12.12
C LEU A 277 -21.29 34.40 11.74
N LEU A 278 -22.08 34.92 10.80
CA LEU A 278 -23.32 34.28 10.38
C LEU A 278 -23.03 33.10 9.45
N PRO A 279 -23.45 31.88 9.83
CA PRO A 279 -23.27 30.73 8.93
C PRO A 279 -24.08 30.88 7.63
N PRO A 280 -23.44 30.63 6.47
CA PRO A 280 -24.11 30.76 5.18
C PRO A 280 -25.10 29.62 4.90
N PHE A 281 -24.96 28.50 5.63
CA PHE A 281 -25.85 27.36 5.51
C PHE A 281 -26.30 26.93 6.90
N LYS A 282 -27.60 26.79 7.10
CA LYS A 282 -28.16 26.26 8.35
C LYS A 282 -28.85 24.92 8.10
N PRO A 283 -28.30 23.83 8.68
CA PRO A 283 -28.90 22.49 8.54
C PRO A 283 -30.40 22.46 8.83
N GLN A 284 -31.16 21.84 7.93
CA GLN A 284 -32.61 21.83 7.99
C GLN A 284 -33.14 20.58 8.71
N VAL A 285 -32.69 20.37 9.95
CA VAL A 285 -33.10 19.20 10.73
C VAL A 285 -34.45 19.44 11.43
N THR A 286 -35.37 18.50 11.26
CA THR A 286 -36.71 18.59 11.83
C THR A 286 -36.76 17.99 13.24
N SER A 287 -36.00 16.92 13.46
CA SER A 287 -35.93 16.24 14.76
C SER A 287 -34.47 15.94 15.12
N GLU A 288 -34.27 15.29 16.26
CA GLU A 288 -32.94 14.89 16.72
C GLU A 288 -32.48 13.58 16.08
N VAL A 289 -33.43 12.72 15.74
CA VAL A 289 -33.13 11.45 15.06
C VAL A 289 -33.03 11.62 13.53
N ASP A 290 -33.07 12.87 13.07
CA ASP A 290 -32.98 13.20 11.65
C ASP A 290 -31.53 13.15 11.18
N THR A 291 -31.26 12.27 10.21
CA THR A 291 -29.89 12.04 9.73
C THR A 291 -29.77 12.31 8.22
N ARG A 292 -30.49 13.31 7.73
CA ARG A 292 -30.50 13.65 6.30
C ARG A 292 -29.13 14.05 5.76
N TYR A 293 -28.28 14.61 6.63
CA TYR A 293 -26.94 15.06 6.23
C TYR A 293 -25.87 13.98 6.42
N PHE A 294 -26.28 12.72 6.43
CA PHE A 294 -25.36 11.58 6.42
C PHE A 294 -25.75 10.63 5.30
N ASP A 295 -24.77 9.90 4.78
CA ASP A 295 -25.00 9.00 3.64
C ASP A 295 -25.93 7.86 4.00
N ASP A 296 -26.85 7.55 3.08
CA ASP A 296 -27.72 6.38 3.21
C ASP A 296 -26.90 5.10 3.26
N GLU A 297 -25.74 5.12 2.58
CA GLU A 297 -24.76 4.04 2.67
C GLU A 297 -24.61 3.54 4.10
N PHE A 298 -24.53 4.47 5.04
CA PHE A 298 -24.38 4.12 6.46
C PHE A 298 -25.71 4.10 7.20
N THR A 299 -26.51 5.16 7.06
CA THR A 299 -27.75 5.30 7.84
C THR A 299 -28.82 4.27 7.51
N ALA A 300 -28.73 3.63 6.35
CA ALA A 300 -29.67 2.57 5.96
C ALA A 300 -29.33 1.21 6.59
N GLN A 301 -28.12 1.05 7.10
CA GLN A 301 -27.66 -0.23 7.64
C GLN A 301 -28.27 -0.54 9.01
N SER A 302 -28.63 -1.80 9.22
CA SER A 302 -29.23 -2.24 10.48
C SER A 302 -28.17 -2.41 11.55
N ILE A 303 -28.44 -1.85 12.73
CA ILE A 303 -27.51 -1.92 13.86
C ILE A 303 -27.39 -3.34 14.45
N THR A 304 -26.16 -3.85 14.54
CA THR A 304 -25.90 -5.16 15.12
C THR A 304 -24.61 -5.19 15.93
N ILE A 305 -24.50 -6.17 16.83
CA ILE A 305 -23.34 -6.35 17.69
C ILE A 305 -22.44 -7.46 17.13
N PRO A 307 -19.97 -10.73 17.20
CA PRO A 307 -19.68 -11.95 17.97
C PRO A 307 -18.20 -12.35 17.93
N PRO A 308 -17.48 -12.20 19.06
CA PRO A 308 -16.08 -12.60 19.12
C PRO A 308 -15.92 -14.03 19.65
N GLN A 321 -10.72 -9.55 32.41
CA GLN A 321 -9.27 -9.70 32.50
C GLN A 321 -8.63 -8.31 32.65
N ARG A 322 -7.31 -8.23 32.51
CA ARG A 322 -6.60 -6.95 32.45
C ARG A 322 -6.35 -6.56 30.99
N THR A 323 -7.42 -6.63 30.18
CA THR A 323 -7.44 -6.08 28.82
C THR A 323 -7.84 -4.59 28.86
N HIS A 324 -7.64 -3.98 30.03
CA HIS A 324 -7.98 -2.59 30.27
C HIS A 324 -7.03 -1.65 29.53
N PHE A 325 -7.56 -0.53 29.06
CA PHE A 325 -6.76 0.53 28.45
C PHE A 325 -6.56 1.63 29.50
N PRO A 326 -5.34 1.74 30.06
CA PRO A 326 -5.10 2.75 31.09
C PRO A 326 -5.05 4.17 30.54
N GLN A 327 -5.56 5.12 31.32
CA GLN A 327 -5.59 6.55 30.95
C GLN A 327 -6.47 6.77 29.70
N PHE A 328 -7.68 6.23 29.75
CA PHE A 328 -8.67 6.38 28.68
C PHE A 328 -10.00 6.92 29.20
N ASP A 329 -10.52 6.31 30.27
CA ASP A 329 -11.85 6.62 30.78
C ASP A 329 -11.98 8.06 31.28
N TYR A 330 -13.18 8.65 31.13
CA TYR A 330 -13.40 10.05 31.43
C TYR A 330 -14.89 10.42 31.48
N SER A 331 -15.21 11.46 32.26
CA SER A 331 -16.54 12.07 32.27
C SER A 331 -16.41 13.59 32.26
N ALA A 332 -17.24 14.25 31.46
CA ALA A 332 -17.21 15.70 31.33
C ALA A 332 -17.67 16.42 32.60
N SER A 333 -18.56 15.78 33.36
CA SER A 333 -19.09 16.35 34.60
C SER A 333 -18.13 16.19 35.77
N ILE A 334 -17.47 15.03 35.84
CA ILE A 334 -16.50 14.74 36.91
C ILE A 334 -15.21 15.55 36.73
N ARG A 335 -14.89 15.91 35.49
CA ARG A 335 -13.68 16.67 35.20
C ARG A 335 -13.95 17.73 34.12
N LYS B 1 0.86 -0.30 11.84
CA LYS B 1 1.08 -1.67 11.28
C LYS B 1 -0.04 -2.09 10.33
N VAL B 2 0.33 -2.79 9.25
CA VAL B 2 -0.64 -3.34 8.30
C VAL B 2 -1.09 -4.71 8.79
N THR B 3 -2.35 -5.04 8.55
CA THR B 3 -2.96 -6.28 9.04
C THR B 3 -3.77 -6.99 7.96
N MET B 4 -4.24 -8.20 8.31
CA MET B 4 -5.03 -9.04 7.42
C MET B 4 -6.32 -8.34 6.98
N ASN B 5 -6.99 -7.68 7.92
CA ASN B 5 -8.29 -7.03 7.67
C ASN B 5 -8.23 -5.71 6.85
N ASP B 6 -7.04 -5.32 6.40
CA ASP B 6 -6.91 -4.19 5.49
C ASP B 6 -7.19 -4.56 4.03
N PHE B 7 -7.40 -5.84 3.76
CA PHE B 7 -7.61 -6.33 2.40
C PHE B 7 -8.87 -7.19 2.27
N ASP B 8 -9.49 -7.13 1.09
CA ASP B 8 -10.50 -8.11 0.70
C ASP B 8 -9.78 -9.25 -0.01
N TYR B 9 -10.22 -10.48 0.23
CA TYR B 9 -9.59 -11.67 -0.35
C TYR B 9 -10.51 -12.28 -1.39
N LEU B 10 -10.07 -12.22 -2.66
CA LEU B 10 -10.97 -12.42 -3.79
C LEU B 10 -10.82 -13.78 -4.48
N LYS B 11 -9.59 -14.11 -4.90
CA LYS B 11 -9.35 -15.35 -5.64
C LYS B 11 -7.98 -15.96 -5.34
N LEU B 12 -7.95 -17.29 -5.20
CA LEU B 12 -6.71 -18.03 -4.98
C LEU B 12 -5.95 -18.21 -6.30
N LEU B 13 -4.73 -17.69 -6.36
CA LEU B 13 -3.90 -17.76 -7.56
C LEU B 13 -2.88 -18.90 -7.50
N GLY B 14 -2.42 -19.25 -6.30
CA GLY B 14 -1.45 -20.32 -6.11
C GLY B 14 -1.56 -20.94 -4.73
N LYS B 15 -1.22 -22.22 -4.65
CA LYS B 15 -1.26 -22.95 -3.38
C LYS B 15 -0.21 -24.07 -3.34
N GLY B 16 0.30 -24.35 -2.14
CA GLY B 16 1.33 -25.37 -1.96
C GLY B 16 1.70 -25.59 -0.50
N THR B 17 2.88 -26.18 -0.28
CA THR B 17 3.32 -26.58 1.06
C THR B 17 3.64 -25.40 1.98
N PHE B 18 4.24 -24.34 1.43
CA PHE B 18 4.64 -23.16 2.22
C PHE B 18 3.45 -22.27 2.58
N GLY B 19 2.47 -22.21 1.67
CA GLY B 19 1.29 -21.36 1.88
C GLY B 19 0.51 -21.16 0.58
N LYS B 20 0.09 -19.92 0.34
CA LYS B 20 -0.76 -19.62 -0.81
C LYS B 20 -0.65 -18.17 -1.27
N VAL B 21 -1.06 -17.91 -2.51
CA VAL B 21 -1.07 -16.57 -3.08
C VAL B 21 -2.49 -16.22 -3.50
N ILE B 22 -2.97 -15.06 -3.06
CA ILE B 22 -4.36 -14.65 -3.30
C ILE B 22 -4.41 -13.24 -3.89
N LEU B 23 -5.29 -13.06 -4.88
CA LEU B 23 -5.61 -11.74 -5.42
C LEU B 23 -6.44 -11.01 -4.38
N VAL B 24 -5.92 -9.89 -3.90
CA VAL B 24 -6.60 -9.10 -2.87
C VAL B 24 -6.91 -7.69 -3.37
N ARG B 25 -7.86 -7.03 -2.70
CA ARG B 25 -8.12 -5.62 -2.92
C ARG B 25 -7.81 -4.87 -1.63
N GLU B 26 -6.94 -3.85 -1.73
CA GLU B 26 -6.66 -2.98 -0.61
C GLU B 26 -7.88 -2.09 -0.36
N LYS B 27 -8.50 -2.26 0.80
CA LYS B 27 -9.74 -1.55 1.14
C LYS B 27 -9.62 -0.03 1.03
N ALA B 28 -8.50 0.50 1.53
CA ALA B 28 -8.26 1.95 1.55
C ALA B 28 -8.24 2.60 0.16
N THR B 29 -7.50 1.98 -0.77
CA THR B 29 -7.32 2.53 -2.11
C THR B 29 -8.22 1.90 -3.18
N GLY B 30 -8.71 0.69 -2.91
CA GLY B 30 -9.50 -0.06 -3.89
C GLY B 30 -8.65 -0.70 -4.98
N ARG B 31 -7.33 -0.71 -4.78
CA ARG B 31 -6.39 -1.23 -5.77
C ARG B 31 -6.10 -2.70 -5.50
N TYR B 32 -5.75 -3.43 -6.56
CA TYR B 32 -5.57 -4.87 -6.48
C TYR B 32 -4.10 -5.27 -6.40
N TYR B 33 -3.83 -6.33 -5.63
CA TYR B 33 -2.48 -6.81 -5.39
C TYR B 33 -2.48 -8.33 -5.27
N ALA B 34 -1.31 -8.93 -5.42
CA ALA B 34 -1.11 -10.35 -5.14
C ALA B 34 -0.49 -10.46 -3.76
N MET B 35 -1.13 -11.22 -2.87
CA MET B 35 -0.61 -11.41 -1.52
C MET B 35 -0.16 -12.86 -1.30
N LYS B 36 1.14 -13.07 -1.18
CA LYS B 36 1.67 -14.37 -0.80
C LYS B 36 1.62 -14.50 0.72
N ILE B 37 0.86 -15.48 1.20
CA ILE B 37 0.67 -15.71 2.63
C ILE B 37 1.34 -17.02 3.02
N LEU B 38 2.39 -16.93 3.83
CA LEU B 38 3.18 -18.10 4.24
C LEU B 38 2.96 -18.41 5.72
N ARG B 39 2.83 -19.69 6.04
CA ARG B 39 2.65 -20.12 7.43
C ARG B 39 4.00 -20.22 8.15
N LYS B 40 4.16 -19.42 9.21
CA LYS B 40 5.39 -19.41 10.01
C LYS B 40 5.70 -20.80 10.57
N GLU B 41 4.66 -21.49 11.02
CA GLU B 41 4.76 -22.86 11.52
C GLU B 41 5.52 -23.78 10.54
N VAL B 42 5.18 -23.64 9.25
CA VAL B 42 5.82 -24.45 8.21
C VAL B 42 7.25 -23.99 7.93
N ILE B 43 7.46 -22.67 7.90
CA ILE B 43 8.78 -22.10 7.63
C ILE B 43 9.80 -22.49 8.71
N ILE B 44 9.36 -22.48 9.97
CA ILE B 44 10.20 -22.87 11.10
C ILE B 44 10.48 -24.38 11.07
N ALA B 45 9.43 -25.17 10.88
CA ALA B 45 9.55 -26.63 10.82
C ALA B 45 10.52 -27.11 9.74
N LYS B 46 10.50 -26.45 8.58
CA LYS B 46 11.39 -26.79 7.48
C LYS B 46 12.75 -26.10 7.57
N ASP B 47 12.95 -25.28 8.60
CA ASP B 47 14.21 -24.56 8.84
C ASP B 47 14.57 -23.65 7.66
N GLU B 48 13.59 -22.84 7.25
CA GLU B 48 13.72 -22.00 6.07
C GLU B 48 13.55 -20.51 6.39
N VAL B 49 13.84 -20.14 7.63
CA VAL B 49 13.67 -18.75 8.08
C VAL B 49 14.63 -17.80 7.34
N ALA B 50 15.86 -18.26 7.11
CA ALA B 50 16.86 -17.47 6.40
C ALA B 50 16.42 -17.12 4.97
N HIS B 51 15.77 -18.07 4.30
CA HIS B 51 15.26 -17.86 2.94
C HIS B 51 14.10 -16.87 2.89
N THR B 52 13.28 -16.85 3.92
CA THR B 52 12.16 -15.91 4.01
C THR B 52 12.65 -14.48 4.27
N VAL B 53 13.70 -14.35 5.07
CA VAL B 53 14.32 -13.05 5.35
C VAL B 53 15.06 -12.53 4.12
N THR B 54 15.75 -13.42 3.41
CA THR B 54 16.46 -13.07 2.19
C THR B 54 15.50 -12.57 1.11
N GLU B 55 14.39 -13.29 0.94
CA GLU B 55 13.38 -12.91 -0.05
C GLU B 55 12.84 -11.51 0.17
N SER B 56 12.54 -11.18 1.42
CA SER B 56 12.04 -9.86 1.77
C SER B 56 13.11 -8.81 1.54
N ARG B 57 14.33 -9.11 1.95
CA ARG B 57 15.46 -8.18 1.80
C ARG B 57 15.79 -7.89 0.33
N VAL B 58 15.73 -8.92 -0.51
CA VAL B 58 15.95 -8.75 -1.94
C VAL B 58 14.83 -7.92 -2.57
N LEU B 59 13.59 -8.23 -2.21
CA LEU B 59 12.44 -7.48 -2.70
C LEU B 59 12.48 -6.00 -2.28
N GLN B 60 12.94 -5.75 -1.06
CA GLN B 60 13.07 -4.37 -0.55
C GLN B 60 14.15 -3.59 -1.28
N ASN B 61 15.25 -4.26 -1.64
CA ASN B 61 16.44 -3.60 -2.20
C ASN B 61 16.56 -3.68 -3.72
N THR B 62 15.54 -4.20 -4.40
CA THR B 62 15.56 -4.29 -5.87
C THR B 62 14.44 -3.45 -6.49
N ARG B 63 14.76 -2.83 -7.61
CA ARG B 63 13.77 -2.15 -8.44
C ARG B 63 14.21 -2.22 -9.89
N HIS B 64 13.41 -2.92 -10.70
CA HIS B 64 13.73 -3.17 -12.09
C HIS B 64 12.40 -3.45 -12.80
N PRO B 65 12.27 -3.01 -14.07
CA PRO B 65 11.02 -3.25 -14.81
C PRO B 65 10.53 -4.70 -14.83
N PHE B 66 11.46 -5.66 -14.86
CA PHE B 66 11.10 -7.08 -14.98
C PHE B 66 11.30 -7.89 -13.70
N LEU B 67 11.28 -7.20 -12.56
CA LEU B 67 11.21 -7.84 -11.25
C LEU B 67 9.94 -7.38 -10.54
N THR B 68 9.27 -8.29 -9.84
CA THR B 68 8.06 -7.95 -9.08
C THR B 68 8.38 -7.01 -7.93
N ALA B 69 7.51 -6.02 -7.72
CA ALA B 69 7.72 -5.00 -6.69
C ALA B 69 6.92 -5.31 -5.43
N LEU B 70 7.59 -5.17 -4.27
CA LEU B 70 6.96 -5.36 -2.97
C LEU B 70 6.26 -4.06 -2.55
N LYS B 71 4.98 -4.16 -2.17
CA LYS B 71 4.23 -3.02 -1.64
C LYS B 71 4.33 -3.02 -0.12
N TYR B 72 3.94 -4.12 0.50
CA TYR B 72 4.02 -4.31 1.95
C TYR B 72 4.60 -5.67 2.30
N ALA B 73 5.51 -5.70 3.26
CA ALA B 73 5.89 -6.92 3.94
C ALA B 73 5.39 -6.77 5.37
N PHE B 74 4.47 -7.63 5.79
CA PHE B 74 3.96 -7.60 7.16
C PHE B 74 3.68 -9.00 7.67
N GLN B 75 3.40 -9.12 8.96
CA GLN B 75 3.23 -10.42 9.60
C GLN B 75 2.22 -10.40 10.73
N THR B 76 1.60 -11.56 10.98
CA THR B 76 0.74 -11.77 12.12
C THR B 76 1.45 -12.74 13.06
N HIS B 77 0.73 -13.23 14.07
CA HIS B 77 1.30 -14.18 15.04
C HIS B 77 1.80 -15.47 14.39
N ASP B 78 1.17 -15.90 13.30
CA ASP B 78 1.52 -17.17 12.65
C ASP B 78 1.65 -17.11 11.12
N ARG B 79 1.58 -15.92 10.52
CA ARG B 79 1.66 -15.78 9.07
C ARG B 79 2.60 -14.66 8.63
N LEU B 80 3.25 -14.87 7.48
CA LEU B 80 4.07 -13.86 6.83
C LEU B 80 3.40 -13.48 5.51
N CYS B 81 3.23 -12.18 5.28
CA CYS B 81 2.49 -11.68 4.12
C CYS B 81 3.35 -10.77 3.23
N PHE B 82 3.46 -11.14 1.95
CA PHE B 82 4.05 -10.29 0.92
C PHE B 82 2.94 -9.72 0.06
N VAL B 83 2.71 -8.41 0.15
CA VAL B 83 1.77 -7.72 -0.75
C VAL B 83 2.55 -7.18 -1.95
N MET B 84 2.18 -7.62 -3.15
CA MET B 84 2.95 -7.30 -4.35
C MET B 84 2.04 -6.86 -5.49
N GLU B 85 2.60 -6.10 -6.42
CA GLU B 85 1.85 -5.65 -7.60
C GLU B 85 1.32 -6.87 -8.37
N TYR B 86 0.08 -6.77 -8.84
CA TYR B 86 -0.60 -7.89 -9.46
C TYR B 86 -0.27 -8.00 -10.95
N ALA B 87 0.44 -9.08 -11.31
CA ALA B 87 0.70 -9.39 -12.71
C ALA B 87 -0.48 -10.21 -13.24
N ASN B 88 -1.39 -9.55 -13.95
CA ASN B 88 -2.62 -10.21 -14.43
C ASN B 88 -2.44 -11.08 -15.67
N GLY B 89 -1.24 -11.05 -16.27
CA GLY B 89 -0.95 -11.86 -17.45
C GLY B 89 -0.73 -13.35 -17.18
N GLY B 90 -0.52 -13.71 -15.92
CA GLY B 90 -0.33 -15.10 -15.53
C GLY B 90 1.09 -15.59 -15.76
N GLU B 91 1.32 -16.86 -15.44
CA GLU B 91 2.63 -17.49 -15.58
C GLU B 91 2.94 -17.81 -17.04
N LEU B 92 4.23 -17.82 -17.36
CA LEU B 92 4.71 -18.27 -18.67
C LEU B 92 4.45 -19.77 -18.83
N PHE B 93 4.44 -20.49 -17.71
CA PHE B 93 4.11 -21.92 -17.68
C PHE B 93 2.68 -22.18 -18.17
N PHE B 94 1.76 -21.30 -17.78
CA PHE B 94 0.37 -21.36 -18.22
C PHE B 94 0.25 -21.18 -19.74
N HIS B 95 0.96 -20.18 -20.26
CA HIS B 95 0.88 -19.83 -21.69
C HIS B 95 1.58 -20.83 -22.59
N LEU B 96 2.73 -21.33 -22.14
CA LEU B 96 3.50 -22.30 -22.92
C LEU B 96 2.82 -23.68 -22.92
N SER B 97 2.16 -24.02 -21.81
CA SER B 97 1.35 -25.23 -21.74
C SER B 97 0.17 -25.16 -22.71
N ARG B 98 -0.44 -23.99 -22.80
CA ARG B 98 -1.59 -23.76 -23.69
C ARG B 98 -1.19 -23.79 -25.16
N GLU B 99 -0.08 -23.13 -25.49
CA GLU B 99 0.38 -23.01 -26.87
C GLU B 99 1.43 -24.05 -27.29
N ARG B 100 1.90 -24.85 -26.33
CA ARG B 100 2.84 -25.95 -26.59
C ARG B 100 4.26 -25.47 -26.86
N VAL B 101 4.40 -24.53 -27.79
CA VAL B 101 5.70 -23.97 -28.16
C VAL B 101 5.55 -22.52 -28.62
N PHE B 102 6.59 -21.72 -28.42
CA PHE B 102 6.65 -20.35 -28.94
C PHE B 102 7.55 -20.31 -30.18
N THR B 103 7.36 -19.27 -31.00
CA THR B 103 8.27 -19.01 -32.11
C THR B 103 9.59 -18.50 -31.53
N GLU B 104 10.64 -18.53 -32.34
CA GLU B 104 11.95 -18.03 -31.91
C GLU B 104 11.90 -16.53 -31.59
N GLU B 105 11.06 -15.79 -32.32
CA GLU B 105 10.89 -14.35 -32.13
C GLU B 105 10.27 -14.03 -30.77
N ARG B 106 9.24 -14.77 -30.39
CA ARG B 106 8.57 -14.58 -29.11
C ARG B 106 9.45 -15.00 -27.93
N ALA B 107 10.16 -16.12 -28.11
CA ALA B 107 11.11 -16.59 -27.10
C ALA B 107 12.25 -15.59 -26.91
N ARG B 108 12.69 -14.98 -27.99
CA ARG B 108 13.73 -13.95 -27.95
C ARG B 108 13.29 -12.75 -27.11
N PHE B 109 12.03 -12.35 -27.24
CA PHE B 109 11.47 -11.25 -26.46
C PHE B 109 11.54 -11.56 -24.97
N TYR B 110 10.98 -12.70 -24.57
CA TYR B 110 10.99 -13.11 -23.16
C TYR B 110 12.41 -13.35 -22.66
N GLY B 111 13.25 -13.98 -23.49
CA GLY B 111 14.66 -14.23 -23.15
C GLY B 111 15.45 -12.97 -22.88
N ALA B 112 15.26 -11.94 -23.71
CA ALA B 112 15.94 -10.66 -23.56
C ALA B 112 15.58 -9.97 -22.25
N GLU B 113 14.29 -9.95 -21.92
CA GLU B 113 13.83 -9.34 -20.68
C GLU B 113 14.31 -10.10 -19.43
N ILE B 114 14.48 -11.42 -19.55
CA ILE B 114 15.06 -12.22 -18.46
C ILE B 114 16.55 -11.94 -18.31
N VAL B 115 17.25 -11.84 -19.44
CA VAL B 115 18.68 -11.49 -19.46
C VAL B 115 18.93 -10.10 -18.84
N SER B 116 18.04 -9.16 -19.15
CA SER B 116 18.08 -7.82 -18.57
C SER B 116 17.92 -7.87 -17.05
N ALA B 117 16.96 -8.68 -16.59
CA ALA B 117 16.69 -8.87 -15.18
C ALA B 117 17.87 -9.55 -14.47
N LEU B 118 18.45 -10.56 -15.12
CA LEU B 118 19.57 -11.31 -14.54
C LEU B 118 20.85 -10.47 -14.48
N GLU B 119 21.08 -9.65 -15.50
CA GLU B 119 22.20 -8.71 -15.49
C GLU B 119 22.08 -7.77 -14.29
N TYR B 120 20.86 -7.28 -14.06
CA TYR B 120 20.60 -6.38 -12.93
C TYR B 120 20.92 -7.05 -11.60
N LEU B 121 20.34 -8.23 -11.35
CA LEU B 121 20.59 -8.96 -10.11
C LEU B 121 22.07 -9.31 -9.92
N HIS B 122 22.74 -9.72 -10.99
CA HIS B 122 24.17 -10.09 -10.95
C HIS B 122 25.08 -8.89 -10.69
N SER B 123 24.75 -7.74 -11.27
CA SER B 123 25.48 -6.50 -11.00
C SER B 123 25.30 -6.05 -9.54
N ARG B 124 24.19 -6.50 -8.92
CA ARG B 124 23.91 -6.25 -7.52
C ARG B 124 24.40 -7.39 -6.61
N ASP B 125 25.22 -8.29 -7.16
CA ASP B 125 25.77 -9.45 -6.43
C ASP B 125 24.68 -10.39 -5.90
N VAL B 126 23.60 -10.56 -6.65
CA VAL B 126 22.54 -11.49 -6.30
C VAL B 126 22.44 -12.61 -7.34
N VAL B 127 22.48 -13.86 -6.86
CA VAL B 127 22.27 -15.02 -7.71
C VAL B 127 20.86 -15.54 -7.45
N TYR B 128 20.04 -15.60 -8.50
CA TYR B 128 18.61 -15.90 -8.36
C TYR B 128 18.32 -17.38 -8.05
N ARG B 129 18.97 -18.27 -8.80
CA ARG B 129 19.00 -19.72 -8.54
C ARG B 129 17.68 -20.49 -8.71
N ASP B 130 16.63 -19.85 -9.24
CA ASP B 130 15.37 -20.55 -9.46
C ASP B 130 14.63 -20.09 -10.72
N ILE B 131 15.38 -19.79 -11.78
CA ILE B 131 14.77 -19.49 -13.09
C ILE B 131 13.96 -20.70 -13.55
N LYS B 132 12.67 -20.46 -13.82
CA LYS B 132 11.77 -21.46 -14.38
C LYS B 132 10.45 -20.84 -14.83
N LEU B 133 9.67 -21.57 -15.62
CA LEU B 133 8.43 -21.04 -16.22
C LEU B 133 7.37 -20.63 -15.20
N GLU B 134 7.33 -21.28 -14.04
CA GLU B 134 6.34 -20.97 -13.01
CA GLU B 134 6.34 -20.96 -13.01
C GLU B 134 6.68 -19.66 -12.29
N ASN B 135 7.96 -19.32 -12.27
CA ASN B 135 8.44 -18.10 -11.61
C ASN B 135 8.53 -16.90 -12.55
N LEU B 136 8.16 -17.08 -13.82
CA LEU B 136 8.14 -16.00 -14.80
C LEU B 136 6.69 -15.62 -15.12
N MET B 137 6.28 -14.45 -14.65
CA MET B 137 4.92 -13.95 -14.85
C MET B 137 4.91 -12.88 -15.94
N LEU B 138 3.72 -12.59 -16.44
CA LEU B 138 3.52 -11.49 -17.39
C LEU B 138 2.62 -10.42 -16.75
N ASP B 139 3.00 -9.15 -16.92
CA ASP B 139 2.15 -8.05 -16.45
C ASP B 139 1.05 -7.74 -17.48
N LYS B 140 0.20 -6.77 -17.16
CA LYS B 140 -0.94 -6.41 -18.02
C LYS B 140 -0.56 -6.03 -19.46
N ASP B 141 0.67 -5.53 -19.63
CA ASP B 141 1.17 -5.16 -20.96
C ASP B 141 1.87 -6.32 -21.69
N GLY B 142 2.11 -7.42 -20.99
CA GLY B 142 2.77 -8.59 -21.59
C GLY B 142 4.28 -8.62 -21.40
N HIS B 143 4.80 -7.80 -20.48
CA HIS B 143 6.23 -7.80 -20.14
C HIS B 143 6.52 -8.78 -19.01
N ILE B 144 7.74 -9.28 -18.98
CA ILE B 144 8.15 -10.29 -17.99
C ILE B 144 8.22 -9.71 -16.56
N LYS B 145 7.79 -10.51 -15.60
CA LYS B 145 7.93 -10.19 -14.18
C LYS B 145 8.40 -11.44 -13.42
N ILE B 146 9.65 -11.42 -12.98
CA ILE B 146 10.20 -12.50 -12.18
C ILE B 146 9.62 -12.42 -10.76
N THR B 147 9.17 -13.56 -10.24
CA THR B 147 8.62 -13.64 -8.90
C THR B 147 9.35 -14.71 -8.09
N ASP B 148 9.17 -14.66 -6.77
CA ASP B 148 9.71 -15.64 -5.84
C ASP B 148 11.24 -15.58 -5.76
N PHE B 149 11.72 -14.78 -4.81
CA PHE B 149 13.15 -14.62 -4.59
C PHE B 149 13.58 -15.35 -3.31
N GLY B 150 12.92 -16.47 -3.02
CA GLY B 150 13.18 -17.26 -1.82
C GLY B 150 14.50 -17.99 -1.81
N LEU B 151 14.99 -18.39 -2.99
CA LEU B 151 16.26 -19.10 -3.11
C LEU B 151 17.41 -18.21 -3.55
N CYS B 152 17.25 -16.89 -3.45
CA CYS B 152 18.34 -15.97 -3.79
C CYS B 152 19.51 -16.06 -2.81
N LYS B 153 20.71 -15.77 -3.32
CA LYS B 153 21.89 -15.59 -2.48
C LYS B 153 22.49 -14.21 -2.76
N GLU B 154 22.78 -13.47 -1.69
CA GLU B 154 23.35 -12.13 -1.79
C GLU B 154 24.85 -12.17 -1.51
N GLY B 155 25.52 -11.08 -1.84
CA GLY B 155 26.96 -10.96 -1.60
C GLY B 155 27.84 -11.79 -2.54
N ILE B 156 27.28 -12.19 -3.68
CA ILE B 156 27.99 -13.04 -4.65
C ILE B 156 28.55 -12.20 -5.78
N SER B 157 29.81 -11.76 -5.62
CA SER B 157 30.50 -10.98 -6.64
C SER B 157 31.21 -11.87 -7.65
N ASP B 158 32.07 -11.26 -8.47
CA ASP B 158 32.81 -11.96 -9.52
C ASP B 158 33.59 -13.16 -8.96
N GLY B 159 33.10 -14.36 -9.25
CA GLY B 159 33.80 -15.59 -8.86
C GLY B 159 33.49 -16.14 -7.47
N ALA B 160 32.63 -15.46 -6.72
CA ALA B 160 32.19 -15.97 -5.41
C ALA B 160 31.30 -17.20 -5.61
N THR B 161 31.33 -18.12 -4.65
CA THR B 161 30.64 -19.40 -4.80
C THR B 161 29.61 -19.69 -3.71
N MET B 162 28.76 -20.67 -3.97
CA MET B 162 27.68 -21.08 -3.08
C MET B 162 27.70 -22.59 -2.84
N LYS B 163 27.17 -23.01 -1.70
CA LYS B 163 27.22 -24.43 -1.29
C LYS B 163 25.85 -25.12 -1.25
N PHE B 165 22.59 -26.96 -1.78
CA PHE B 165 21.91 -27.78 -2.78
C PHE B 165 20.45 -27.33 -2.81
N CYS B 166 20.11 -26.52 -3.82
CA CYS B 166 18.78 -25.93 -3.93
C CYS B 166 18.44 -25.51 -5.36
N GLY B 167 17.15 -25.28 -5.58
CA GLY B 167 16.63 -24.89 -6.89
C GLY B 167 15.35 -25.63 -7.17
N THR B 168 15.17 -26.06 -8.41
CA THR B 168 14.10 -26.98 -8.79
C THR B 168 14.75 -28.12 -9.56
N PRO B 169 14.43 -29.38 -9.21
CA PRO B 169 15.11 -30.56 -9.77
C PRO B 169 15.35 -30.51 -11.28
N GLU B 170 14.31 -30.16 -12.04
CA GLU B 170 14.36 -30.17 -13.50
C GLU B 170 15.27 -29.08 -14.09
N TYR B 171 15.55 -28.04 -13.29
CA TYR B 171 16.32 -26.89 -13.76
C TYR B 171 17.73 -26.81 -13.17
N LEU B 172 18.11 -27.79 -12.34
CA LEU B 172 19.42 -27.77 -11.68
C LEU B 172 20.55 -27.87 -12.69
N ALA B 173 21.56 -27.02 -12.53
CA ALA B 173 22.76 -27.06 -13.35
C ALA B 173 23.60 -28.28 -12.93
N PRO B 174 24.31 -28.89 -13.89
CA PRO B 174 25.18 -30.05 -13.62
C PRO B 174 26.16 -29.87 -12.45
N GLU B 175 26.77 -28.70 -12.34
CA GLU B 175 27.74 -28.45 -11.26
C GLU B 175 27.10 -28.50 -9.87
N VAL B 176 25.82 -28.12 -9.78
CA VAL B 176 25.06 -28.22 -8.53
C VAL B 176 24.81 -29.69 -8.16
N LEU B 177 24.79 -30.56 -9.15
CA LEU B 177 24.64 -32.00 -8.94
C LEU B 177 25.95 -32.70 -8.56
N GLU B 178 27.04 -31.93 -8.47
CA GLU B 178 28.32 -32.42 -7.99
C GLU B 178 28.59 -31.87 -6.58
N ASP B 179 29.56 -32.45 -5.89
CA ASP B 179 29.95 -31.98 -4.54
C ASP B 179 30.57 -30.58 -4.61
N ASN B 180 30.75 -29.98 -3.43
CA ASN B 180 31.42 -28.70 -3.28
C ASN B 180 30.60 -27.54 -3.85
N ASP B 181 31.26 -26.46 -4.22
CA ASP B 181 30.59 -25.18 -4.46
C ASP B 181 30.32 -24.90 -5.94
N TYR B 182 29.54 -23.85 -6.21
CA TYR B 182 29.21 -23.45 -7.58
C TYR B 182 29.05 -21.94 -7.68
N GLY B 183 29.18 -21.43 -8.90
CA GLY B 183 29.13 -19.99 -9.16
C GLY B 183 27.79 -19.49 -9.67
N ARG B 184 27.76 -18.21 -10.03
CA ARG B 184 26.55 -17.53 -10.48
C ARG B 184 26.09 -17.92 -11.89
N ALA B 185 26.92 -18.69 -12.61
CA ALA B 185 26.60 -19.16 -13.95
C ALA B 185 25.40 -20.13 -13.98
N VAL B 186 24.99 -20.65 -12.82
CA VAL B 186 23.82 -21.50 -12.72
C VAL B 186 22.54 -20.81 -13.23
N ASP B 187 22.50 -19.48 -13.12
CA ASP B 187 21.39 -18.68 -13.65
C ASP B 187 21.32 -18.72 -15.18
N TRP B 188 22.48 -18.80 -15.84
CA TRP B 188 22.51 -18.84 -17.30
C TRP B 188 22.16 -20.24 -17.82
N TRP B 189 22.45 -21.26 -17.04
CA TRP B 189 21.92 -22.60 -17.31
C TRP B 189 20.40 -22.61 -17.21
N GLY B 190 19.87 -22.00 -16.15
CA GLY B 190 18.43 -21.87 -15.96
C GLY B 190 17.75 -21.14 -17.11
N LEU B 191 18.32 -20.01 -17.51
CA LEU B 191 17.87 -19.30 -18.71
C LEU B 191 17.83 -20.24 -19.91
N GLY B 192 18.87 -21.07 -20.06
CA GLY B 192 18.95 -22.04 -21.15
C GLY B 192 17.82 -23.05 -21.16
N VAL B 193 17.44 -23.53 -19.97
CA VAL B 193 16.37 -24.52 -19.85
C VAL B 193 15.03 -23.91 -20.25
N VAL B 194 14.73 -22.69 -19.77
CA VAL B 194 13.47 -22.03 -20.12
C VAL B 194 13.42 -21.62 -21.59
N MET B 195 14.56 -21.16 -22.13
CA MET B 195 14.66 -20.86 -23.56
C MET B 195 14.44 -22.12 -24.39
N TYR B 196 15.00 -23.24 -23.92
CA TYR B 196 14.82 -24.54 -24.58
C TYR B 196 13.36 -24.94 -24.60
N GLU B 197 12.68 -24.77 -23.47
CA GLU B 197 11.25 -25.09 -23.36
C GLU B 197 10.39 -24.25 -24.30
N MET B 198 10.67 -22.95 -24.35
CA MET B 198 9.90 -22.03 -25.18
C MET B 198 10.00 -22.35 -26.67
N MET B 199 11.20 -22.72 -27.12
CA MET B 199 11.46 -22.97 -28.53
C MET B 199 11.32 -24.45 -28.94
N CYS B 200 11.61 -25.37 -28.02
CA CYS B 200 11.51 -26.81 -28.33
C CYS B 200 10.28 -27.50 -27.73
N GLY B 201 9.52 -26.78 -26.93
CA GLY B 201 8.24 -27.28 -26.40
C GLY B 201 8.35 -28.41 -25.41
N ARG B 202 9.51 -28.53 -24.76
CA ARG B 202 9.72 -29.52 -23.71
C ARG B 202 10.98 -29.19 -22.91
N LEU B 203 11.15 -29.84 -21.76
CA LEU B 203 12.39 -29.75 -21.00
C LEU B 203 13.49 -30.48 -21.79
N PRO B 204 14.74 -29.97 -21.72
CA PRO B 204 15.83 -30.68 -22.38
C PRO B 204 16.14 -32.04 -21.75
N PHE B 205 15.86 -32.18 -20.45
CA PHE B 205 15.97 -33.44 -19.74
C PHE B 205 14.75 -33.63 -18.85
N TYR B 206 14.11 -34.79 -18.92
CA TYR B 206 13.05 -35.12 -17.97
C TYR B 206 12.92 -36.60 -17.63
N ASN B 207 12.76 -36.86 -16.34
CA ASN B 207 12.29 -38.15 -15.83
C ASN B 207 11.69 -37.89 -14.45
N GLN B 208 10.61 -38.58 -14.11
CA GLN B 208 9.96 -38.36 -12.81
C GLN B 208 10.82 -38.89 -11.66
N ASP B 209 11.65 -39.89 -11.95
CA ASP B 209 12.64 -40.38 -11.00
C ASP B 209 13.84 -39.42 -11.02
N HIS B 210 14.06 -38.73 -9.90
CA HIS B 210 15.14 -37.74 -9.80
C HIS B 210 16.52 -38.34 -10.03
N GLU B 211 16.70 -39.58 -9.58
CA GLU B 211 17.92 -40.34 -9.88
C GLU B 211 18.23 -40.35 -11.36
N ARG B 212 17.22 -40.67 -12.17
CA ARG B 212 17.36 -40.71 -13.63
C ARG B 212 17.49 -39.29 -14.20
N LEU B 213 16.73 -38.36 -13.64
CA LEU B 213 16.77 -36.95 -14.07
C LEU B 213 18.17 -36.35 -13.90
N PHE B 214 18.75 -36.51 -12.72
CA PHE B 214 20.07 -35.92 -12.44
C PHE B 214 21.17 -36.57 -13.28
N GLU B 215 21.01 -37.85 -13.60
CA GLU B 215 21.92 -38.53 -14.51
C GLU B 215 21.82 -37.96 -15.92
N LEU B 216 20.61 -37.63 -16.36
CA LEU B 216 20.42 -36.98 -17.66
C LEU B 216 21.06 -35.59 -17.70
N ILE B 217 20.82 -34.78 -16.67
CA ILE B 217 21.41 -33.45 -16.58
C ILE B 217 22.95 -33.51 -16.59
N LEU B 218 23.53 -34.48 -15.89
CA LEU B 218 24.98 -34.64 -15.86
C LEU B 218 25.56 -35.30 -17.12
N MET B 219 24.90 -36.36 -17.61
CA MET B 219 25.49 -37.25 -18.62
C MET B 219 24.96 -37.09 -20.05
N GLU B 220 23.72 -36.65 -20.19
CA GLU B 220 23.06 -36.70 -21.50
C GLU B 220 23.34 -35.48 -22.38
N GLU B 221 23.45 -35.74 -23.68
CA GLU B 221 23.65 -34.70 -24.68
C GLU B 221 22.29 -34.16 -25.11
N ILE B 222 22.13 -32.84 -25.12
CA ILE B 222 20.87 -32.23 -25.56
C ILE B 222 20.65 -32.45 -27.06
N ARG B 223 19.38 -32.45 -27.44
CA ARG B 223 18.99 -32.59 -28.84
C ARG B 223 18.17 -31.37 -29.24
N PHE B 224 18.15 -31.09 -30.54
CA PHE B 224 17.41 -29.96 -31.09
C PHE B 224 16.55 -30.43 -32.25
N PRO B 225 15.36 -29.81 -32.43
CA PRO B 225 14.65 -30.06 -33.68
C PRO B 225 15.52 -29.67 -34.87
N ARG B 226 15.43 -30.43 -35.96
CA ARG B 226 16.21 -30.15 -37.16
C ARG B 226 16.01 -28.73 -37.68
N THR B 227 14.77 -28.24 -37.60
CA THR B 227 14.39 -26.95 -38.18
C THR B 227 14.68 -25.74 -37.29
N LEU B 228 15.15 -25.98 -36.06
CA LEU B 228 15.54 -24.88 -35.17
C LEU B 228 16.68 -24.12 -35.85
N SER B 229 16.66 -22.79 -35.75
CA SER B 229 17.67 -21.96 -36.42
C SER B 229 19.06 -22.26 -35.87
N PRO B 230 20.10 -22.10 -36.69
CA PRO B 230 21.48 -22.23 -36.23
C PRO B 230 21.83 -21.36 -35.02
N GLU B 231 21.36 -20.11 -35.02
CA GLU B 231 21.63 -19.20 -33.89
C GLU B 231 20.91 -19.65 -32.61
N ALA B 232 19.69 -20.19 -32.74
CA ALA B 232 18.96 -20.72 -31.59
C ALA B 232 19.63 -21.96 -31.01
N LYS B 233 20.09 -22.86 -31.88
CA LYS B 233 20.86 -24.04 -31.47
C LYS B 233 22.15 -23.65 -30.75
N SER B 234 22.85 -22.66 -31.30
CA SER B 234 24.09 -22.14 -30.74
C SER B 234 23.87 -21.48 -29.37
N LEU B 235 22.79 -20.73 -29.22
CA LEU B 235 22.46 -20.08 -27.95
C LEU B 235 22.16 -21.11 -26.87
N LEU B 236 21.28 -22.05 -27.19
CA LEU B 236 20.88 -23.11 -26.25
C LEU B 236 22.07 -24.01 -25.91
N ALA B 237 22.87 -24.35 -26.91
CA ALA B 237 24.12 -25.11 -26.71
C ALA B 237 25.11 -24.37 -25.80
N GLY B 238 25.18 -23.05 -25.97
CA GLY B 238 26.04 -22.21 -25.13
C GLY B 238 25.54 -22.08 -23.69
N LEU B 239 24.25 -21.81 -23.53
CA LEU B 239 23.64 -21.69 -22.20
C LEU B 239 23.64 -23.04 -21.46
N LEU B 240 23.45 -24.12 -22.21
CA LEU B 240 23.40 -25.46 -21.62
C LEU B 240 24.71 -26.25 -21.78
N LYS B 241 25.84 -25.53 -21.79
CA LYS B 241 27.16 -26.14 -21.67
C LYS B 241 27.29 -26.64 -20.23
N LYS B 242 27.62 -27.91 -20.06
CA LYS B 242 27.66 -28.53 -18.73
C LYS B 242 28.77 -27.97 -17.83
N ASP B 243 29.91 -27.64 -18.43
CA ASP B 243 30.98 -26.93 -17.72
C ASP B 243 30.60 -25.44 -17.64
N PRO B 244 30.41 -24.93 -16.41
CA PRO B 244 30.08 -23.50 -16.24
C PRO B 244 31.17 -22.54 -16.72
N LYS B 245 32.42 -22.98 -16.68
CA LYS B 245 33.54 -22.19 -17.20
C LYS B 245 33.46 -21.99 -18.72
N GLN B 246 32.91 -22.97 -19.44
CA GLN B 246 32.76 -22.90 -20.89
C GLN B 246 31.35 -22.49 -21.31
N ARG B 247 30.49 -22.19 -20.34
CA ARG B 247 29.10 -21.80 -20.59
C ARG B 247 28.98 -20.34 -21.00
N LEU B 248 28.00 -20.06 -21.87
CA LEU B 248 27.69 -18.71 -22.30
C LEU B 248 27.17 -17.92 -21.10
N GLY B 249 27.87 -16.84 -20.76
CA GLY B 249 27.57 -16.07 -19.57
C GLY B 249 28.42 -16.46 -18.36
N GLY B 250 29.21 -17.52 -18.51
CA GLY B 250 30.04 -18.02 -17.42
C GLY B 250 31.39 -17.33 -17.28
N GLY B 251 31.73 -16.46 -18.23
CA GLY B 251 32.98 -15.71 -18.17
C GLY B 251 32.89 -14.51 -17.26
N PRO B 252 33.99 -13.72 -17.17
CA PRO B 252 34.03 -12.54 -16.30
C PRO B 252 33.01 -11.45 -16.65
N SER B 253 32.67 -11.33 -17.94
CA SER B 253 31.74 -10.29 -18.38
C SER B 253 30.26 -10.67 -18.17
N ASP B 254 30.01 -11.91 -17.78
CA ASP B 254 28.68 -12.33 -17.33
C ASP B 254 27.59 -12.16 -18.42
N ALA B 255 26.58 -11.32 -18.18
CA ALA B 255 25.46 -11.14 -19.10
C ALA B 255 25.88 -10.58 -20.47
N LYS B 256 27.01 -9.89 -20.53
CA LYS B 256 27.57 -9.37 -21.78
C LYS B 256 27.70 -10.46 -22.85
N GLU B 257 28.29 -11.59 -22.48
CA GLU B 257 28.47 -12.74 -23.38
C GLU B 257 27.14 -13.16 -24.00
N VAL B 258 26.12 -13.24 -23.16
CA VAL B 258 24.78 -13.66 -23.60
C VAL B 258 24.14 -12.60 -24.48
N MET B 259 24.26 -11.34 -24.07
CA MET B 259 23.71 -10.22 -24.84
C MET B 259 24.33 -10.07 -26.23
N GLU B 260 25.62 -10.40 -26.33
CA GLU B 260 26.35 -10.28 -27.59
C GLU B 260 26.26 -11.51 -28.50
N HIS B 261 25.54 -12.54 -28.07
CA HIS B 261 25.37 -13.74 -28.87
C HIS B 261 24.49 -13.44 -30.09
N ARG B 262 24.83 -14.07 -31.21
CA ARG B 262 24.18 -13.81 -32.51
C ARG B 262 22.66 -14.04 -32.53
N PHE B 263 22.14 -14.84 -31.61
CA PHE B 263 20.70 -15.01 -31.47
C PHE B 263 20.00 -13.69 -31.13
N PHE B 264 20.65 -12.86 -30.32
CA PHE B 264 20.11 -11.55 -29.94
C PHE B 264 20.64 -10.40 -30.82
N LEU B 265 21.12 -10.73 -32.01
CA LEU B 265 21.67 -9.75 -32.96
C LEU B 265 20.74 -8.55 -33.18
N SER B 266 19.45 -8.84 -33.30
CA SER B 266 18.43 -7.82 -33.58
C SER B 266 18.03 -6.95 -32.37
N ILE B 267 18.55 -7.25 -31.19
CA ILE B 267 18.14 -6.58 -29.96
C ILE B 267 19.05 -5.41 -29.57
N ASN B 268 18.45 -4.26 -29.33
CA ASN B 268 19.11 -3.15 -28.64
C ASN B 268 18.77 -3.26 -27.16
N TRP B 269 19.80 -3.46 -26.34
CA TRP B 269 19.61 -3.81 -24.94
C TRP B 269 19.24 -2.64 -24.03
N GLN B 270 19.54 -1.42 -24.49
CA GLN B 270 19.10 -0.22 -23.80
C GLN B 270 17.59 -0.02 -24.00
N ASP B 271 17.08 -0.43 -25.16
CA ASP B 271 15.63 -0.41 -25.43
C ASP B 271 14.88 -1.47 -24.63
N VAL B 272 15.55 -2.59 -24.34
CA VAL B 272 14.95 -3.68 -23.55
C VAL B 272 14.54 -3.18 -22.16
N VAL B 273 15.51 -2.63 -21.44
CA VAL B 273 15.26 -2.08 -20.09
C VAL B 273 14.26 -0.90 -20.10
N GLN B 274 14.23 -0.15 -21.20
CA GLN B 274 13.31 0.98 -21.34
C GLN B 274 11.88 0.58 -21.73
N LYS B 275 11.60 -0.73 -21.77
CA LYS B 275 10.28 -1.25 -22.14
C LYS B 275 9.86 -0.84 -23.57
N LYS B 276 10.84 -0.69 -24.45
CA LYS B 276 10.58 -0.22 -25.81
C LYS B 276 10.39 -1.36 -26.82
N LEU B 277 10.70 -2.58 -26.40
CA LEU B 277 10.41 -3.76 -27.21
C LEU B 277 8.92 -4.08 -27.14
N LEU B 278 8.32 -4.33 -28.30
CA LEU B 278 6.88 -4.59 -28.40
C LEU B 278 6.56 -6.03 -27.97
N PRO B 279 5.72 -6.20 -26.92
CA PRO B 279 5.33 -7.56 -26.53
C PRO B 279 4.51 -8.26 -27.62
N PRO B 280 4.87 -9.53 -27.94
CA PRO B 280 4.15 -10.28 -28.97
C PRO B 280 2.77 -10.77 -28.53
N PHE B 281 2.53 -10.78 -27.22
CA PHE B 281 1.24 -11.17 -26.66
C PHE B 281 0.82 -10.13 -25.61
N LYS B 282 -0.41 -9.62 -25.75
CA LYS B 282 -0.98 -8.70 -24.77
C LYS B 282 -2.17 -9.36 -24.06
N PRO B 283 -2.06 -9.63 -22.75
CA PRO B 283 -3.14 -10.22 -21.97
C PRO B 283 -4.49 -9.51 -22.17
N GLN B 284 -5.53 -10.30 -22.44
CA GLN B 284 -6.86 -9.79 -22.78
C GLN B 284 -7.76 -9.67 -21.55
N VAL B 285 -7.30 -8.93 -20.53
CA VAL B 285 -8.05 -8.76 -19.29
C VAL B 285 -9.11 -7.66 -19.43
N THR B 286 -10.35 -7.97 -19.06
CA THR B 286 -11.46 -7.02 -19.14
C THR B 286 -11.59 -6.19 -17.87
N SER B 287 -11.31 -6.80 -16.73
CA SER B 287 -11.37 -6.13 -15.43
C SER B 287 -10.13 -6.45 -14.60
N GLU B 288 -10.09 -5.93 -13.37
CA GLU B 288 -8.99 -6.19 -12.44
C GLU B 288 -9.17 -7.51 -11.69
N VAL B 289 -10.42 -7.93 -11.49
CA VAL B 289 -10.73 -9.20 -10.85
C VAL B 289 -10.74 -10.37 -11.85
N ASP B 290 -10.32 -10.10 -13.08
CA ASP B 290 -10.28 -11.08 -14.15
C ASP B 290 -9.03 -11.95 -14.00
N THR B 291 -9.23 -13.27 -13.82
CA THR B 291 -8.14 -14.20 -13.57
C THR B 291 -8.09 -15.33 -14.62
N ARG B 292 -8.39 -14.97 -15.87
CA ARG B 292 -8.42 -15.93 -16.97
C ARG B 292 -7.08 -16.62 -17.22
N TYR B 293 -5.99 -15.92 -16.91
CA TYR B 293 -4.64 -16.45 -17.12
C TYR B 293 -4.06 -17.17 -15.91
N PHE B 294 -4.95 -17.67 -15.04
CA PHE B 294 -4.58 -18.55 -13.94
C PHE B 294 -5.44 -19.80 -13.98
N ASP B 295 -4.90 -20.90 -13.47
CA ASP B 295 -5.60 -22.20 -13.50
C ASP B 295 -6.88 -22.18 -12.68
N ASP B 296 -7.94 -22.78 -13.23
CA ASP B 296 -9.19 -22.99 -12.49
C ASP B 296 -8.94 -23.86 -11.26
N GLU B 297 -7.97 -24.76 -11.37
CA GLU B 297 -7.51 -25.56 -10.24
C GLU B 297 -7.40 -24.72 -8.97
N PHE B 298 -6.84 -23.51 -9.10
CA PHE B 298 -6.69 -22.60 -7.98
C PHE B 298 -7.84 -21.59 -7.87
N THR B 299 -8.14 -20.91 -8.97
CA THR B 299 -9.12 -19.82 -8.95
C THR B 299 -10.55 -20.26 -8.64
N ALA B 300 -10.85 -21.54 -8.81
CA ALA B 300 -12.18 -22.08 -8.49
C ALA B 300 -12.36 -22.37 -7.00
N GLN B 301 -11.26 -22.43 -6.24
CA GLN B 301 -11.30 -22.80 -4.83
C GLN B 301 -11.82 -21.66 -3.95
N SER B 302 -12.65 -22.01 -2.96
CA SER B 302 -13.24 -21.03 -2.05
C SER B 302 -12.22 -20.59 -0.99
N ILE B 303 -12.10 -19.28 -0.79
CA ILE B 303 -11.15 -18.71 0.16
C ILE B 303 -11.55 -18.99 1.62
N THR B 304 -10.64 -19.58 2.39
CA THR B 304 -10.87 -19.87 3.81
C THR B 304 -9.61 -19.64 4.65
N ILE B 305 -9.82 -19.46 5.95
CA ILE B 305 -8.73 -19.23 6.91
C ILE B 305 -8.43 -20.52 7.67
N PRO B 307 -7.50 -22.91 10.87
CA PRO B 307 -7.65 -23.01 12.32
C PRO B 307 -6.47 -23.72 13.01
N PRO B 308 -5.63 -22.96 13.75
CA PRO B 308 -4.51 -23.56 14.47
C PRO B 308 -4.89 -23.92 15.91
N GLN B 321 3.06 -13.15 21.37
CA GLN B 321 4.34 -13.57 21.95
C GLN B 321 5.49 -12.95 21.15
N ARG B 322 6.71 -13.46 21.35
CA ARG B 322 7.85 -13.09 20.52
C ARG B 322 8.07 -14.14 19.43
N THR B 323 6.99 -14.48 18.73
CA THR B 323 7.04 -15.29 17.51
C THR B 323 7.28 -14.38 16.30
N HIS B 324 7.84 -13.20 16.55
CA HIS B 324 8.12 -12.19 15.55
C HIS B 324 9.29 -12.62 14.66
N PHE B 325 9.20 -12.26 13.38
CA PHE B 325 10.28 -12.47 12.43
C PHE B 325 11.03 -11.14 12.25
N PRO B 326 12.24 -11.03 12.83
CA PRO B 326 12.99 -9.77 12.73
C PRO B 326 13.54 -9.52 11.33
N GLN B 327 13.55 -8.24 10.93
CA GLN B 327 14.06 -7.82 9.61
C GLN B 327 13.22 -8.42 8.48
N PHE B 328 11.90 -8.26 8.60
CA PHE B 328 10.95 -8.72 7.58
C PHE B 328 10.01 -7.60 7.12
N ASP B 329 9.42 -6.89 8.07
CA ASP B 329 8.38 -5.89 7.78
C ASP B 329 8.90 -4.73 6.94
N TYR B 330 8.04 -4.17 6.10
CA TYR B 330 8.43 -3.14 5.13
C TYR B 330 7.23 -2.44 4.48
N SER B 331 7.44 -1.19 4.07
CA SER B 331 6.48 -0.43 3.26
C SER B 331 7.22 0.28 2.12
N ALA B 332 6.64 0.24 0.92
CA ALA B 332 7.24 0.86 -0.26
C ALA B 332 7.25 2.39 -0.18
N SER B 333 6.27 2.96 0.52
CA SER B 333 6.16 4.41 0.67
C SER B 333 7.10 4.95 1.74
N ILE B 334 7.23 4.21 2.84
CA ILE B 334 8.12 4.60 3.95
C ILE B 334 9.60 4.46 3.57
N ARG B 335 9.90 3.55 2.65
CA ARG B 335 11.28 3.30 2.21
C ARG B 335 11.34 3.06 0.71
N GLY C 1 -16.70 14.49 -7.80
CA GLY C 1 -16.68 14.16 -6.34
C GLY C 1 -15.80 12.98 -6.03
N ARG C 2 -14.65 13.24 -5.42
CA ARG C 2 -13.65 12.21 -5.12
C ARG C 2 -14.17 11.11 -4.18
N PRO C 3 -13.49 9.94 -4.17
CA PRO C 3 -13.85 8.88 -3.22
C PRO C 3 -13.43 9.20 -1.78
N ARG C 4 -14.12 8.60 -0.81
CA ARG C 4 -13.79 8.77 0.60
C ARG C 4 -12.33 8.39 0.84
N THR C 5 -11.64 9.19 1.66
CA THR C 5 -10.24 8.94 1.99
C THR C 5 -10.14 8.17 3.31
N THR C 6 -9.00 7.56 3.57
CA THR C 6 -8.76 6.86 4.83
C THR C 6 -7.46 7.33 5.49
N SER C 7 -7.54 7.60 6.79
CA SER C 7 -6.36 7.98 7.56
C SER C 7 -5.45 6.79 7.80
N PHE C 8 -4.16 7.06 8.00
CA PHE C 8 -3.17 6.01 8.24
C PHE C 8 -2.04 6.51 9.12
N ALA C 9 -1.27 5.57 9.68
CA ALA C 9 -0.09 5.90 10.46
C ALA C 9 1.04 4.91 10.19
N GLU C 10 2.27 5.43 10.19
CA GLU C 10 3.50 4.65 10.01
C GLU C 10 3.34 3.33 9.27
N GLY D 1 2.76 -31.29 -22.16
CA GLY D 1 2.81 -30.28 -21.06
C GLY D 1 3.18 -30.91 -19.72
N ARG D 2 4.40 -30.66 -19.27
CA ARG D 2 4.93 -31.26 -18.03
C ARG D 2 4.14 -30.87 -16.78
N PRO D 3 4.27 -31.66 -15.69
CA PRO D 3 3.63 -31.30 -14.42
C PRO D 3 4.33 -30.13 -13.72
N ARG D 4 3.57 -29.41 -12.89
CA ARG D 4 4.10 -28.30 -12.10
C ARG D 4 5.30 -28.77 -11.29
N THR D 5 6.35 -27.94 -11.24
CA THR D 5 7.56 -28.25 -10.49
C THR D 5 7.49 -27.62 -9.11
N THR D 6 8.32 -28.08 -8.17
CA THR D 6 8.40 -27.48 -6.84
C THR D 6 9.84 -27.15 -6.47
N SER D 7 10.05 -25.94 -5.94
CA SER D 7 11.36 -25.51 -5.49
C SER D 7 11.74 -26.21 -4.18
N PHE D 8 13.04 -26.34 -3.93
CA PHE D 8 13.53 -26.99 -2.72
C PHE D 8 14.87 -26.39 -2.30
N ALA D 9 15.25 -26.67 -1.05
CA ALA D 9 16.55 -26.26 -0.51
C ALA D 9 17.14 -27.34 0.39
N GLU D 10 18.47 -27.49 0.30
CA GLU D 10 19.26 -28.41 1.14
C GLU D 10 18.48 -29.61 1.66
#